data_4L6Q
#
_entry.id   4L6Q
#
_cell.length_a   136.465
_cell.length_b   147.518
_cell.length_c   91.214
_cell.angle_alpha   90.00
_cell.angle_beta   125.17
_cell.angle_gamma   90.00
#
_symmetry.space_group_name_H-M   'C 1 2 1'
#
loop_
_entity.id
_entity.type
_entity.pdbx_description
1 polymer 'Rho-associated protein kinase 2'
2 non-polymer 6-[4-(aminomethyl)-2-fluorophenoxy]-2,1-benzoxaborol-1(3H)-ol
3 water water
#
_entity_poly.entity_id   1
_entity_poly.type   'polypeptide(L)'
_entity_poly.pdbx_seq_one_letter_code
;GAAGDGAGASRQRKLEALIRDPRSPINVESLLDGLNSLVLDLDFPALRKNKNIDNFLNRYEKIVKKIRGLQMKAEDYDVV
KVIGRGAFGEVQLVRHKASQKVYAMKLLSKFEMIKRSDSAFFWEERDIMAFANSPWVVQLFYAFQDDRYLYMVMEYMPGG
DLVNLMSNYDVPEKWAKFYTAEVVLALDAIHSMGLIHRDVKPDNMLLDKHGHLKLADFGTCMKMDETGMVHCDTAVGTPD
YISPEVLKSQGGDGFYGRECDWWSVGVFLYEMLVGDTPFYADSLVGTYSKIMDHKNSLCFPEDAEISKHAKNLICAFLTD
REVRLGRNGVEEIRQHPFFKNDQWHWDNIRETAAPVVPELSSDIDSSNFDDIEDDKGDVETFPIPKAFVGNQLPFIGFTY
YR
;
_entity_poly.pdbx_strand_id   A,B
#
loop_
_chem_comp.id
_chem_comp.type
_chem_comp.name
_chem_comp.formula
1WU non-polymer 6-[4-(aminomethyl)-2-fluorophenoxy]-2,1-benzoxaborol-1(3H)-ol 'C14 H13 B F N O3'
#
# COMPACT_ATOMS: atom_id res chain seq x y z
N GLN A 12 -33.14 15.44 14.44
CA GLN A 12 -33.19 15.02 12.99
C GLN A 12 -31.87 15.29 12.29
N ARG A 13 -30.84 15.59 13.07
CA ARG A 13 -29.61 16.19 12.55
C ARG A 13 -28.39 15.35 12.93
N LYS A 14 -28.43 14.80 14.14
CA LYS A 14 -27.55 13.72 14.53
C LYS A 14 -27.58 12.60 13.49
N LEU A 15 -28.77 12.04 13.29
CA LEU A 15 -29.01 10.83 12.47
C LEU A 15 -28.11 10.68 11.23
N GLU A 16 -28.04 11.73 10.42
CA GLU A 16 -27.21 11.73 9.22
C GLU A 16 -25.77 11.34 9.59
N ALA A 17 -25.21 12.05 10.55
CA ALA A 17 -23.85 11.74 11.02
C ALA A 17 -23.75 10.32 11.50
N LEU A 18 -24.81 9.81 12.13
CA LEU A 18 -24.84 8.39 12.52
C LEU A 18 -24.57 7.48 11.32
N ILE A 19 -25.21 7.80 10.20
CA ILE A 19 -25.19 6.95 9.00
C ILE A 19 -23.97 7.21 8.16
N ARG A 20 -23.45 8.43 8.21
CA ARG A 20 -22.16 8.73 7.57
C ARG A 20 -21.01 8.05 8.29
N ASP A 21 -21.19 7.77 9.58
CA ASP A 21 -20.10 7.27 10.42
C ASP A 21 -19.71 5.84 10.07
N PRO A 22 -18.48 5.64 9.56
CA PRO A 22 -18.01 4.29 9.19
C PRO A 22 -17.97 3.29 10.35
N ARG A 23 -17.89 3.79 11.58
CA ARG A 23 -17.86 2.93 12.74
C ARG A 23 -19.24 2.47 13.18
N SER A 24 -20.28 3.18 12.78
CA SER A 24 -21.63 2.90 13.28
C SER A 24 -22.20 1.66 12.60
N PRO A 25 -23.13 0.98 13.28
CA PRO A 25 -23.79 -0.21 12.76
C PRO A 25 -24.94 0.09 11.80
N ILE A 26 -25.44 1.32 11.79
CA ILE A 26 -26.44 1.72 10.81
C ILE A 26 -25.88 2.66 9.75
N ASN A 27 -24.59 2.57 9.48
CA ASN A 27 -24.04 3.23 8.31
C ASN A 27 -24.49 2.48 7.07
N VAL A 28 -24.60 3.18 5.94
CA VAL A 28 -25.22 2.64 4.70
C VAL A 28 -24.93 1.16 4.39
N GLU A 29 -23.65 0.77 4.32
CA GLU A 29 -23.31 -0.61 3.93
C GLU A 29 -24.07 -1.63 4.78
N SER A 30 -24.25 -1.31 6.06
CA SER A 30 -24.93 -2.21 6.97
C SER A 30 -26.38 -2.27 6.58
N LEU A 31 -26.94 -1.12 6.29
CA LEU A 31 -28.33 -1.06 5.85
C LEU A 31 -28.54 -1.93 4.61
N LEU A 32 -27.60 -1.87 3.67
CA LEU A 32 -27.66 -2.69 2.46
C LEU A 32 -27.56 -4.16 2.85
N ASP A 33 -26.54 -4.50 3.63
CA ASP A 33 -26.43 -5.85 4.20
C ASP A 33 -27.80 -6.33 4.71
N GLY A 34 -28.56 -5.40 5.30
CA GLY A 34 -29.87 -5.64 5.82
C GLY A 34 -30.85 -6.09 4.77
N LEU A 35 -31.09 -5.24 3.77
CA LEU A 35 -32.02 -5.59 2.68
C LEU A 35 -31.55 -6.89 2.05
N ASN A 36 -30.25 -6.97 1.77
CA ASN A 36 -29.72 -8.14 1.10
C ASN A 36 -29.92 -9.44 1.88
N SER A 37 -29.59 -9.42 3.16
CA SER A 37 -29.73 -10.62 4.03
C SER A 37 -31.19 -10.97 4.26
N LEU A 38 -32.05 -9.95 4.28
CA LEU A 38 -33.47 -10.17 4.42
C LEU A 38 -33.93 -10.93 3.21
N VAL A 39 -33.59 -10.41 2.04
CA VAL A 39 -34.00 -11.03 0.79
C VAL A 39 -33.47 -12.45 0.69
N LEU A 40 -32.16 -12.64 0.89
CA LEU A 40 -31.58 -13.98 0.84
C LEU A 40 -32.31 -14.93 1.76
N ASP A 41 -32.77 -14.43 2.90
CA ASP A 41 -33.42 -15.31 3.89
C ASP A 41 -34.92 -15.51 3.71
N LEU A 42 -35.53 -14.77 2.78
CA LEU A 42 -36.96 -14.90 2.47
C LEU A 42 -37.26 -15.53 1.10
N ASP A 43 -36.29 -15.52 0.19
CA ASP A 43 -36.50 -16.02 -1.17
C ASP A 43 -36.39 -17.54 -1.19
N PHE A 44 -37.51 -18.19 -0.86
CA PHE A 44 -37.64 -19.64 -0.92
C PHE A 44 -39.10 -19.97 -1.22
N PRO A 45 -39.34 -20.99 -2.05
CA PRO A 45 -40.70 -21.35 -2.44
C PRO A 45 -41.60 -21.56 -1.24
N ALA A 46 -41.06 -22.20 -0.20
CA ALA A 46 -41.85 -22.53 1.00
C ALA A 46 -42.38 -21.28 1.69
N LEU A 47 -41.50 -20.29 1.85
CA LEU A 47 -41.82 -19.06 2.57
C LEU A 47 -42.66 -18.15 1.68
N ARG A 48 -42.31 -18.11 0.40
CA ARG A 48 -43.05 -17.33 -0.60
C ARG A 48 -44.52 -17.73 -0.73
N LYS A 49 -44.91 -18.86 -0.14
CA LYS A 49 -46.34 -19.18 0.01
C LYS A 49 -47.01 -18.14 0.93
N ASN A 50 -46.20 -17.39 1.69
CA ASN A 50 -46.70 -16.25 2.46
C ASN A 50 -46.79 -15.03 1.57
N LYS A 51 -48.00 -14.52 1.40
CA LYS A 51 -48.24 -13.33 0.56
C LYS A 51 -47.25 -12.18 0.86
N ASN A 52 -47.26 -11.68 2.10
CA ASN A 52 -46.40 -10.56 2.54
C ASN A 52 -44.94 -10.72 2.14
N ILE A 53 -44.43 -11.93 2.31
CA ILE A 53 -43.06 -12.25 1.92
C ILE A 53 -42.93 -12.23 0.42
N ASP A 54 -43.96 -12.74 -0.26
CA ASP A 54 -43.92 -12.81 -1.72
C ASP A 54 -43.97 -11.40 -2.30
N ASN A 55 -44.98 -10.64 -1.92
CA ASN A 55 -45.17 -9.31 -2.48
C ASN A 55 -44.08 -8.33 -2.05
N PHE A 56 -43.38 -8.64 -0.97
CA PHE A 56 -42.16 -7.91 -0.64
C PHE A 56 -41.07 -8.20 -1.67
N LEU A 57 -40.72 -9.47 -1.83
CA LEU A 57 -39.61 -9.86 -2.72
C LEU A 57 -39.82 -9.37 -4.15
N ASN A 58 -41.05 -9.48 -4.66
CA ASN A 58 -41.36 -8.91 -5.97
C ASN A 58 -40.89 -7.46 -6.10
N ARG A 59 -41.02 -6.67 -5.04
CA ARG A 59 -40.59 -5.27 -5.07
C ARG A 59 -39.07 -5.12 -5.06
N TYR A 60 -38.38 -5.89 -4.24
CA TYR A 60 -36.94 -5.63 -4.02
C TYR A 60 -35.98 -6.67 -4.63
N GLU A 61 -36.47 -7.84 -4.95
CA GLU A 61 -35.64 -8.92 -5.50
C GLU A 61 -34.78 -8.43 -6.69
N LYS A 62 -35.36 -7.59 -7.54
CA LYS A 62 -34.66 -7.10 -8.74
C LYS A 62 -33.51 -6.15 -8.43
N ILE A 63 -33.80 -5.04 -7.74
CA ILE A 63 -32.77 -4.03 -7.46
C ILE A 63 -31.68 -4.58 -6.55
N VAL A 64 -32.07 -5.46 -5.62
CA VAL A 64 -31.10 -6.16 -4.77
C VAL A 64 -30.09 -6.95 -5.60
N LYS A 65 -30.56 -7.65 -6.63
CA LYS A 65 -29.64 -8.33 -7.53
C LYS A 65 -28.71 -7.29 -8.18
N LYS A 66 -29.29 -6.24 -8.77
CA LYS A 66 -28.50 -5.15 -9.38
C LYS A 66 -27.47 -4.59 -8.38
N ILE A 67 -27.94 -4.19 -7.20
CA ILE A 67 -27.06 -3.73 -6.14
C ILE A 67 -25.92 -4.72 -6.00
N ARG A 68 -26.27 -6.00 -5.88
CA ARG A 68 -25.28 -7.06 -5.65
C ARG A 68 -24.19 -7.05 -6.71
N GLY A 69 -24.56 -6.68 -7.93
CA GLY A 69 -23.61 -6.57 -9.02
C GLY A 69 -22.67 -5.38 -8.88
N LEU A 70 -23.21 -4.25 -8.45
CA LEU A 70 -22.41 -3.03 -8.28
C LEU A 70 -21.44 -3.14 -7.14
N GLN A 71 -21.80 -4.00 -6.17
CA GLN A 71 -20.98 -4.31 -5.01
C GLN A 71 -19.62 -4.87 -5.38
N MET A 72 -18.73 -4.98 -4.40
CA MET A 72 -17.48 -5.71 -4.57
C MET A 72 -17.85 -7.16 -4.40
N LYS A 73 -17.18 -8.02 -5.16
CA LYS A 73 -17.51 -9.43 -5.21
C LYS A 73 -16.25 -10.25 -5.33
N ALA A 74 -16.36 -11.54 -5.08
CA ALA A 74 -15.19 -12.42 -5.18
C ALA A 74 -14.60 -12.49 -6.58
N GLU A 75 -15.44 -12.31 -7.61
CA GLU A 75 -14.99 -12.43 -9.00
C GLU A 75 -14.19 -11.23 -9.47
N ASP A 76 -14.15 -10.17 -8.67
CA ASP A 76 -13.27 -9.04 -8.94
C ASP A 76 -11.81 -9.41 -8.70
N TYR A 77 -11.58 -10.54 -8.06
CA TYR A 77 -10.22 -10.97 -7.71
C TYR A 77 -9.86 -12.27 -8.42
N ASP A 78 -8.62 -12.34 -8.88
CA ASP A 78 -8.01 -13.60 -9.26
C ASP A 78 -7.57 -14.25 -7.97
N VAL A 79 -7.61 -15.57 -7.92
CA VAL A 79 -7.04 -16.35 -6.84
C VAL A 79 -5.69 -16.92 -7.28
N VAL A 80 -4.58 -16.38 -6.78
CA VAL A 80 -3.26 -16.91 -7.13
C VAL A 80 -3.01 -18.28 -6.50
N LYS A 81 -2.92 -18.35 -5.17
CA LYS A 81 -2.87 -19.64 -4.48
C LYS A 81 -3.33 -19.54 -3.03
N VAL A 82 -3.82 -20.67 -2.52
CA VAL A 82 -4.23 -20.79 -1.12
C VAL A 82 -3.00 -20.87 -0.22
N ILE A 83 -2.76 -19.84 0.58
CA ILE A 83 -1.61 -19.80 1.49
C ILE A 83 -1.94 -20.22 2.93
N GLY A 84 -3.22 -20.39 3.26
CA GLY A 84 -3.59 -20.95 4.55
C GLY A 84 -4.99 -21.52 4.57
N ARG A 85 -5.21 -22.56 5.39
CA ARG A 85 -6.54 -23.19 5.52
C ARG A 85 -6.80 -23.71 6.94
N GLY A 86 -8.03 -23.49 7.42
CA GLY A 86 -8.43 -23.93 8.75
C GLY A 86 -9.90 -24.26 8.76
N ALA A 87 -10.48 -24.42 9.94
CA ALA A 87 -11.80 -25.06 10.08
C ALA A 87 -12.98 -24.17 9.73
N PHE A 88 -12.76 -22.88 9.56
CA PHE A 88 -13.82 -21.97 9.11
C PHE A 88 -13.63 -21.46 7.69
N GLY A 89 -12.43 -21.61 7.13
CA GLY A 89 -12.21 -21.21 5.77
C GLY A 89 -10.76 -21.25 5.34
N GLU A 90 -10.41 -20.30 4.50
CA GLU A 90 -9.10 -20.29 3.87
C GLU A 90 -8.59 -18.89 3.85
N VAL A 91 -7.30 -18.78 3.62
CA VAL A 91 -6.71 -17.52 3.27
C VAL A 91 -6.04 -17.71 1.93
N GLN A 92 -6.38 -16.80 1.01
CA GLN A 92 -5.94 -16.89 -0.37
C GLN A 92 -5.05 -15.72 -0.66
N LEU A 93 -3.98 -15.96 -1.42
CA LEU A 93 -3.27 -14.87 -2.06
C LEU A 93 -4.16 -14.53 -3.24
N VAL A 94 -4.31 -13.24 -3.53
CA VAL A 94 -5.15 -12.81 -4.63
C VAL A 94 -4.57 -11.61 -5.36
N ARG A 95 -5.11 -11.33 -6.55
CA ARG A 95 -4.83 -10.08 -7.23
C ARG A 95 -6.13 -9.48 -7.69
N HIS A 96 -6.29 -8.18 -7.41
CA HIS A 96 -7.51 -7.48 -7.77
C HIS A 96 -7.37 -7.17 -9.25
N LYS A 97 -8.39 -7.52 -10.03
CA LYS A 97 -8.30 -7.46 -11.49
C LYS A 97 -8.08 -6.04 -12.00
N ALA A 98 -9.05 -5.15 -11.74
CA ALA A 98 -8.98 -3.76 -12.25
C ALA A 98 -7.68 -3.04 -11.86
N SER A 99 -7.24 -3.20 -10.61
CA SER A 99 -6.07 -2.47 -10.09
C SER A 99 -4.76 -3.25 -10.15
N GLN A 100 -4.85 -4.58 -10.27
CA GLN A 100 -3.71 -5.51 -10.36
C GLN A 100 -2.87 -5.54 -9.09
N LYS A 101 -3.45 -5.07 -7.99
CA LYS A 101 -2.77 -5.06 -6.71
C LYS A 101 -2.97 -6.40 -6.04
N VAL A 102 -1.92 -6.90 -5.39
CA VAL A 102 -1.98 -8.18 -4.69
C VAL A 102 -2.45 -7.96 -3.26
N TYR A 103 -3.21 -8.92 -2.73
CA TYR A 103 -3.72 -8.83 -1.37
C TYR A 103 -3.75 -10.23 -0.78
N ALA A 104 -4.05 -10.31 0.52
CA ALA A 104 -4.37 -11.56 1.17
C ALA A 104 -5.85 -11.45 1.45
N MET A 105 -6.58 -12.55 1.22
CA MET A 105 -8.01 -12.55 1.41
C MET A 105 -8.47 -13.73 2.21
N LYS A 106 -9.15 -13.47 3.32
CA LYS A 106 -9.58 -14.53 4.20
C LYS A 106 -11.02 -14.79 3.92
N LEU A 107 -11.33 -16.05 3.66
CA LEU A 107 -12.70 -16.49 3.49
C LEU A 107 -13.14 -17.17 4.75
N LEU A 108 -14.36 -16.90 5.20
CA LEU A 108 -14.92 -17.60 6.35
C LEU A 108 -16.30 -18.17 5.99
N SER A 109 -16.42 -19.50 6.07
CA SER A 109 -17.65 -20.18 5.71
C SER A 109 -18.81 -19.79 6.61
N LYS A 110 -19.83 -19.14 6.07
CA LYS A 110 -21.05 -18.87 6.81
C LYS A 110 -21.74 -20.17 7.23
N PHE A 111 -21.69 -21.18 6.37
CA PHE A 111 -22.36 -22.43 6.69
C PHE A 111 -21.73 -23.10 7.93
N GLU A 112 -20.39 -23.09 7.99
CA GLU A 112 -19.69 -23.70 9.11
C GLU A 112 -19.91 -22.91 10.39
N MET A 113 -19.87 -21.59 10.30
CA MET A 113 -20.04 -20.72 11.46
C MET A 113 -21.40 -20.89 12.10
N ILE A 114 -22.44 -21.06 11.29
CA ILE A 114 -23.77 -21.37 11.82
C ILE A 114 -23.75 -22.77 12.48
N LYS A 115 -23.30 -23.77 11.73
CA LYS A 115 -23.23 -25.18 12.18
C LYS A 115 -22.50 -25.33 13.52
N ARG A 116 -21.25 -24.87 13.54
CA ARG A 116 -20.40 -24.91 14.73
C ARG A 116 -20.74 -23.79 15.74
N SER A 117 -21.92 -23.17 15.57
CA SER A 117 -22.46 -22.15 16.49
C SER A 117 -21.41 -21.13 17.01
N ASP A 118 -20.60 -20.64 16.08
CA ASP A 118 -19.51 -19.72 16.40
C ASP A 118 -19.57 -18.63 15.33
N SER A 119 -20.58 -17.76 15.40
CA SER A 119 -20.86 -16.79 14.33
C SER A 119 -20.69 -15.32 14.71
N ALA A 120 -19.86 -15.02 15.71
CA ALA A 120 -19.65 -13.64 16.16
C ALA A 120 -18.22 -13.30 16.52
N PHE A 121 -17.27 -14.16 16.18
CA PHE A 121 -15.85 -13.96 16.55
C PHE A 121 -15.09 -13.01 15.65
N PHE A 122 -15.74 -12.51 14.60
CA PHE A 122 -15.05 -11.77 13.56
C PHE A 122 -15.23 -10.27 13.71
N TRP A 123 -16.16 -9.84 14.56
CA TRP A 123 -16.44 -8.40 14.66
C TRP A 123 -15.25 -7.62 15.13
N GLU A 124 -14.61 -8.12 16.19
CA GLU A 124 -13.44 -7.48 16.74
C GLU A 124 -12.28 -7.56 15.76
N GLU A 125 -12.14 -8.70 15.08
CA GLU A 125 -11.16 -8.79 14.01
C GLU A 125 -11.40 -7.72 12.94
N ARG A 126 -12.66 -7.58 12.54
CA ARG A 126 -12.98 -6.57 11.53
C ARG A 126 -12.51 -5.21 11.99
N ASP A 127 -13.03 -4.74 13.14
CA ASP A 127 -12.78 -3.37 13.62
C ASP A 127 -11.29 -3.11 13.88
N ILE A 128 -10.57 -4.10 14.43
CA ILE A 128 -9.15 -3.92 14.71
C ILE A 128 -8.42 -3.68 13.42
N MET A 129 -8.60 -4.59 12.47
CA MET A 129 -7.90 -4.52 11.20
C MET A 129 -8.36 -3.27 10.41
N ALA A 130 -9.66 -2.98 10.45
CA ALA A 130 -10.16 -1.76 9.85
C ALA A 130 -9.53 -0.50 10.43
N PHE A 131 -9.48 -0.39 11.77
CA PHE A 131 -9.32 0.91 12.44
C PHE A 131 -8.07 1.16 13.30
N ALA A 132 -7.30 0.11 13.58
CA ALA A 132 -6.08 0.24 14.38
C ALA A 132 -5.13 1.33 13.89
N ASN A 133 -4.96 1.41 12.58
CA ASN A 133 -4.01 2.35 12.02
C ASN A 133 -2.63 2.18 12.68
N SER A 134 -2.27 0.93 13.00
CA SER A 134 -1.00 0.60 13.66
C SER A 134 -0.09 -0.28 12.81
N PRO A 135 1.23 -0.02 12.81
CA PRO A 135 2.18 -0.87 12.08
C PRO A 135 2.23 -2.33 12.55
N TRP A 136 1.63 -2.63 13.71
CA TRP A 136 1.71 -3.97 14.31
C TRP A 136 0.45 -4.81 14.01
N VAL A 137 -0.54 -4.17 13.40
CA VAL A 137 -1.84 -4.79 13.18
C VAL A 137 -2.15 -4.85 11.69
N VAL A 138 -2.17 -6.05 11.11
CA VAL A 138 -2.43 -6.21 9.68
C VAL A 138 -3.69 -5.47 9.26
N GLN A 139 -3.53 -4.65 8.22
CA GLN A 139 -4.56 -3.72 7.83
C GLN A 139 -5.62 -4.43 6.99
N LEU A 140 -6.87 -3.97 7.09
CA LEU A 140 -7.96 -4.52 6.29
C LEU A 140 -8.49 -3.44 5.43
N PHE A 141 -8.51 -3.69 4.12
CA PHE A 141 -8.93 -2.68 3.15
C PHE A 141 -10.38 -2.76 2.79
N TYR A 142 -10.91 -3.99 2.70
CA TYR A 142 -12.31 -4.20 2.38
C TYR A 142 -12.83 -5.47 3.04
N ALA A 143 -14.09 -5.42 3.45
CA ALA A 143 -14.77 -6.53 4.03
C ALA A 143 -16.02 -6.66 3.21
N PHE A 144 -16.25 -7.84 2.65
CA PHE A 144 -17.48 -8.05 1.91
C PHE A 144 -17.97 -9.48 2.05
N GLN A 145 -19.14 -9.75 1.49
CA GLN A 145 -19.77 -11.02 1.68
C GLN A 145 -20.72 -11.46 0.56
N ASP A 146 -20.95 -12.77 0.48
CA ASP A 146 -22.01 -13.32 -0.34
C ASP A 146 -22.69 -14.47 0.41
N ASP A 147 -23.77 -14.97 -0.15
CA ASP A 147 -24.57 -16.03 0.49
C ASP A 147 -23.73 -17.14 1.13
N ARG A 148 -22.51 -17.38 0.65
CA ARG A 148 -21.69 -18.50 1.13
C ARG A 148 -20.64 -18.09 2.17
N TYR A 149 -19.88 -17.03 1.88
CA TYR A 149 -18.74 -16.64 2.73
C TYR A 149 -18.73 -15.18 3.16
N LEU A 150 -17.82 -14.92 4.09
CA LEU A 150 -17.39 -13.59 4.45
C LEU A 150 -16.01 -13.49 3.86
N TYR A 151 -15.64 -12.33 3.36
CA TYR A 151 -14.32 -12.12 2.79
C TYR A 151 -13.68 -10.95 3.48
N MET A 152 -12.37 -11.06 3.74
CA MET A 152 -11.60 -9.95 4.28
C MET A 152 -10.34 -9.73 3.43
N VAL A 153 -10.19 -8.53 2.88
CA VAL A 153 -9.06 -8.22 2.03
C VAL A 153 -8.04 -7.46 2.83
N MET A 154 -6.85 -8.02 2.97
CA MET A 154 -5.85 -7.54 3.95
C MET A 154 -4.56 -7.19 3.27
N GLU A 155 -3.70 -6.39 3.89
CA GLU A 155 -2.37 -6.26 3.31
C GLU A 155 -1.70 -7.63 3.40
N TYR A 156 -1.04 -8.00 2.31
CA TYR A 156 -0.36 -9.28 2.22
C TYR A 156 0.95 -9.18 2.96
N MET A 157 1.15 -10.07 3.93
CA MET A 157 2.40 -10.22 4.66
C MET A 157 3.18 -11.37 4.05
N PRO A 158 4.15 -11.05 3.16
CA PRO A 158 4.88 -12.09 2.41
C PRO A 158 5.96 -12.84 3.19
N GLY A 159 6.29 -12.43 4.41
CA GLY A 159 7.37 -13.08 5.14
C GLY A 159 7.01 -14.39 5.81
N GLY A 160 5.73 -14.75 5.78
CA GLY A 160 5.26 -15.94 6.49
C GLY A 160 5.13 -15.67 7.98
N ASP A 161 5.05 -16.73 8.77
CA ASP A 161 4.89 -16.60 10.22
C ASP A 161 6.14 -17.02 10.98
N LEU A 162 6.15 -16.77 12.30
CA LEU A 162 7.32 -17.07 13.12
C LEU A 162 7.47 -18.57 13.33
N VAL A 163 6.39 -19.34 13.16
CA VAL A 163 6.51 -20.80 13.19
C VAL A 163 7.47 -21.21 12.08
N ASN A 164 7.26 -20.65 10.90
CA ASN A 164 8.08 -21.02 9.74
C ASN A 164 9.53 -20.63 9.96
N LEU A 165 9.76 -19.44 10.50
CA LEU A 165 11.11 -18.99 10.75
C LEU A 165 11.78 -19.98 11.70
N MET A 166 11.15 -20.19 12.85
CA MET A 166 11.66 -21.14 13.84
C MET A 166 11.81 -22.56 13.28
N SER A 167 10.91 -22.95 12.37
CA SER A 167 11.04 -24.22 11.67
C SER A 167 12.29 -24.24 10.78
N ASN A 168 12.68 -23.09 10.26
CA ASN A 168 13.84 -22.99 9.36
C ASN A 168 15.11 -22.39 9.98
N TYR A 169 15.11 -22.15 11.29
CA TYR A 169 16.27 -21.51 11.95
C TYR A 169 16.53 -21.98 13.39
N ASP A 170 17.79 -22.18 13.71
CA ASP A 170 18.22 -22.16 15.12
C ASP A 170 18.35 -20.67 15.45
N VAL A 171 17.55 -20.19 16.40
CA VAL A 171 17.42 -18.75 16.67
C VAL A 171 18.36 -18.25 17.77
N PRO A 172 19.27 -17.30 17.45
CA PRO A 172 20.08 -16.67 18.50
C PRO A 172 19.24 -15.77 19.40
N GLU A 173 19.81 -15.36 20.53
CA GLU A 173 19.10 -14.45 21.44
C GLU A 173 18.96 -13.06 20.81
N LYS A 174 20.03 -12.56 20.21
CA LYS A 174 20.01 -11.28 19.49
C LYS A 174 18.72 -11.13 18.68
N TRP A 175 18.35 -12.21 18.02
CA TRP A 175 17.10 -12.26 17.25
C TRP A 175 15.90 -12.32 18.20
N ALA A 176 15.93 -13.26 19.14
CA ALA A 176 14.81 -13.43 20.08
C ALA A 176 14.47 -12.11 20.81
N LYS A 177 15.52 -11.40 21.18
CA LYS A 177 15.40 -10.07 21.79
C LYS A 177 14.63 -9.13 20.87
N PHE A 178 14.89 -9.22 19.57
CA PHE A 178 14.18 -8.39 18.59
C PHE A 178 12.71 -8.76 18.48
N TYR A 179 12.45 -10.00 18.07
CA TYR A 179 11.09 -10.43 17.75
C TYR A 179 10.17 -10.29 18.96
N THR A 180 10.64 -10.72 20.12
CA THR A 180 9.89 -10.59 21.35
C THR A 180 9.58 -9.14 21.64
N ALA A 181 10.62 -8.32 21.55
CA ALA A 181 10.44 -6.90 21.67
C ALA A 181 9.27 -6.48 20.81
N GLU A 182 9.28 -6.86 19.53
CA GLU A 182 8.22 -6.41 18.62
C GLU A 182 6.87 -6.97 19.05
N VAL A 183 6.85 -8.20 19.54
CA VAL A 183 5.58 -8.75 20.04
C VAL A 183 5.04 -7.90 21.19
N VAL A 184 5.96 -7.41 22.02
CA VAL A 184 5.58 -6.62 23.18
C VAL A 184 4.89 -5.34 22.75
N LEU A 185 5.56 -4.59 21.89
CA LEU A 185 4.98 -3.34 21.38
C LEU A 185 3.64 -3.60 20.68
N ALA A 186 3.52 -4.74 20.02
CA ALA A 186 2.31 -5.06 19.27
C ALA A 186 1.17 -5.29 20.23
N LEU A 187 1.46 -6.13 21.25
CA LEU A 187 0.46 -6.43 22.27
C LEU A 187 0.14 -5.18 23.08
N ASP A 188 1.12 -4.30 23.26
CA ASP A 188 0.82 -3.06 23.95
C ASP A 188 -0.18 -2.21 23.17
N ALA A 189 -0.03 -2.16 21.85
CA ALA A 189 -0.97 -1.41 21.02
C ALA A 189 -2.40 -1.93 21.20
N ILE A 190 -2.57 -3.24 21.04
CA ILE A 190 -3.89 -3.84 21.19
C ILE A 190 -4.45 -3.55 22.58
N HIS A 191 -3.60 -3.67 23.59
CA HIS A 191 -4.01 -3.43 24.96
C HIS A 191 -4.47 -1.99 25.11
N SER A 192 -3.71 -1.07 24.54
CA SER A 192 -4.07 0.33 24.64
C SER A 192 -5.37 0.65 23.91
N MET A 193 -5.77 -0.22 22.98
CA MET A 193 -7.09 -0.11 22.31
C MET A 193 -8.22 -0.75 23.12
N GLY A 194 -7.90 -1.27 24.29
CA GLY A 194 -8.93 -1.77 25.17
C GLY A 194 -9.26 -3.20 24.87
N LEU A 195 -8.26 -3.98 24.45
CA LEU A 195 -8.50 -5.35 23.99
C LEU A 195 -7.44 -6.30 24.45
N ILE A 196 -7.87 -7.53 24.73
CA ILE A 196 -6.96 -8.58 25.11
C ILE A 196 -6.91 -9.56 23.93
N HIS A 197 -5.71 -9.98 23.55
CA HIS A 197 -5.56 -10.83 22.37
C HIS A 197 -6.04 -12.27 22.61
N ARG A 198 -5.62 -12.87 23.72
CA ARG A 198 -6.09 -14.19 24.16
C ARG A 198 -5.58 -15.41 23.40
N ASP A 199 -5.08 -15.24 22.18
CA ASP A 199 -4.49 -16.35 21.43
C ASP A 199 -3.12 -15.98 20.85
N VAL A 200 -2.25 -15.38 21.69
CA VAL A 200 -0.87 -15.06 21.25
C VAL A 200 -0.07 -16.34 21.06
N LYS A 201 0.67 -16.40 19.95
CA LYS A 201 1.48 -17.57 19.53
C LYS A 201 2.10 -17.29 18.18
N PRO A 202 3.25 -17.89 17.88
CA PRO A 202 3.93 -17.56 16.62
C PRO A 202 3.04 -17.70 15.39
N ASP A 203 2.11 -18.65 15.41
CA ASP A 203 1.15 -18.83 14.32
C ASP A 203 0.52 -17.51 13.88
N ASN A 204 0.12 -16.70 14.84
CA ASN A 204 -0.58 -15.44 14.58
C ASN A 204 0.38 -14.26 14.51
N MET A 205 1.67 -14.56 14.33
CA MET A 205 2.69 -13.54 14.15
C MET A 205 3.24 -13.64 12.70
N LEU A 206 2.99 -12.61 11.89
CA LEU A 206 3.40 -12.62 10.48
C LEU A 206 4.51 -11.61 10.23
N LEU A 207 5.55 -12.02 9.51
CA LEU A 207 6.62 -11.10 9.14
C LEU A 207 6.24 -10.38 7.84
N ASP A 208 6.41 -9.05 7.77
CA ASP A 208 6.10 -8.29 6.54
C ASP A 208 7.27 -8.37 5.52
N LYS A 209 7.21 -7.55 4.46
CA LYS A 209 8.21 -7.57 3.36
C LYS A 209 9.64 -7.35 3.83
N HIS A 210 9.79 -6.55 4.89
CA HIS A 210 11.09 -6.24 5.47
C HIS A 210 11.45 -7.16 6.64
N GLY A 211 10.51 -7.99 7.07
CA GLY A 211 10.77 -8.96 8.13
C GLY A 211 10.47 -8.42 9.52
N HIS A 212 9.43 -7.60 9.62
CA HIS A 212 8.97 -7.00 10.88
C HIS A 212 7.57 -7.54 11.20
N LEU A 213 7.37 -7.95 12.46
CA LEU A 213 6.13 -8.62 12.87
C LEU A 213 4.90 -7.73 12.77
N LYS A 214 3.76 -8.36 12.48
CA LYS A 214 2.45 -7.77 12.74
C LYS A 214 1.60 -8.90 13.26
N LEU A 215 0.75 -8.62 14.24
CA LEU A 215 -0.18 -9.65 14.72
C LEU A 215 -1.32 -9.83 13.69
N ALA A 216 -1.76 -11.08 13.49
CA ALA A 216 -2.52 -11.46 12.28
C ALA A 216 -3.94 -11.91 12.50
N ASP A 217 -4.15 -12.84 13.43
CA ASP A 217 -5.48 -13.39 13.65
C ASP A 217 -6.01 -12.81 14.96
N PHE A 218 -7.21 -12.25 14.93
CA PHE A 218 -7.82 -11.60 16.11
C PHE A 218 -9.21 -12.17 16.40
N GLY A 219 -9.40 -13.45 16.13
CA GLY A 219 -10.72 -14.07 16.30
C GLY A 219 -11.10 -14.25 17.76
N THR A 220 -10.10 -14.16 18.62
CA THR A 220 -10.26 -14.42 20.04
C THR A 220 -10.10 -13.14 20.89
N CYS A 221 -10.03 -11.98 20.27
CA CYS A 221 -9.95 -10.73 21.01
C CYS A 221 -11.20 -10.45 21.81
N MET A 222 -11.06 -9.70 22.90
CA MET A 222 -12.20 -9.28 23.73
C MET A 222 -11.96 -7.89 24.32
N LYS A 223 -13.00 -7.07 24.36
CA LYS A 223 -12.88 -5.73 24.93
C LYS A 223 -12.85 -5.85 26.45
N MET A 224 -12.20 -4.90 27.12
CA MET A 224 -12.06 -4.91 28.57
C MET A 224 -13.14 -4.04 29.23
N ASP A 225 -13.34 -4.18 30.55
CA ASP A 225 -14.21 -3.25 31.32
C ASP A 225 -13.63 -1.83 31.38
N GLU A 226 -14.40 -0.90 31.94
CA GLU A 226 -13.86 0.41 32.33
C GLU A 226 -12.75 0.19 33.36
N THR A 227 -12.77 -0.96 34.05
CA THR A 227 -11.67 -1.39 34.90
C THR A 227 -10.46 -1.77 34.02
N GLY A 228 -10.47 -3.01 33.53
CA GLY A 228 -9.44 -3.50 32.61
C GLY A 228 -9.43 -5.02 32.53
N MET A 229 -10.64 -5.60 32.61
CA MET A 229 -10.84 -7.03 32.87
C MET A 229 -11.85 -7.64 31.90
N VAL A 230 -11.95 -8.96 31.89
CA VAL A 230 -12.99 -9.64 31.13
C VAL A 230 -13.69 -10.65 32.00
N HIS A 231 -15.01 -10.59 32.06
CA HIS A 231 -15.78 -11.67 32.65
C HIS A 231 -16.00 -12.70 31.55
N CYS A 232 -15.27 -13.80 31.61
CA CYS A 232 -15.44 -14.88 30.66
C CYS A 232 -15.54 -16.24 31.35
N ASP A 233 -16.51 -17.03 30.94
CA ASP A 233 -16.73 -18.36 31.50
C ASP A 233 -16.28 -19.48 30.57
N THR A 234 -15.80 -19.12 29.38
CA THR A 234 -15.22 -20.11 28.47
C THR A 234 -13.71 -19.91 28.32
N ALA A 235 -12.99 -21.01 28.32
CA ALA A 235 -11.57 -20.99 28.00
C ALA A 235 -11.48 -20.69 26.51
N VAL A 236 -10.67 -19.70 26.16
CA VAL A 236 -10.41 -19.39 24.75
C VAL A 236 -8.91 -19.36 24.51
N GLY A 237 -8.45 -20.05 23.46
CA GLY A 237 -7.04 -20.09 23.09
C GLY A 237 -6.59 -21.42 22.50
N THR A 238 -5.29 -21.69 22.68
CA THR A 238 -4.64 -22.82 22.03
C THR A 238 -3.72 -23.51 23.04
N PRO A 239 -3.95 -24.82 23.30
CA PRO A 239 -3.40 -25.49 24.48
C PRO A 239 -2.00 -25.05 24.90
N ASP A 240 -1.02 -25.18 24.01
CA ASP A 240 0.38 -24.94 24.37
C ASP A 240 0.66 -23.56 25.01
N TYR A 241 -0.16 -22.55 24.71
CA TYR A 241 0.10 -21.15 25.10
C TYR A 241 -0.96 -20.56 26.06
N ILE A 242 -1.95 -21.35 26.45
CA ILE A 242 -2.98 -20.88 27.39
C ILE A 242 -2.33 -20.67 28.77
N SER A 243 -2.58 -19.50 29.37
CA SER A 243 -2.16 -19.22 30.74
C SER A 243 -3.10 -19.92 31.71
N PRO A 244 -2.64 -20.13 32.96
CA PRO A 244 -3.47 -20.87 33.90
C PRO A 244 -4.69 -20.08 34.39
N GLU A 245 -4.60 -18.76 34.48
CA GLU A 245 -5.78 -17.96 34.86
C GLU A 245 -6.94 -18.16 33.89
N VAL A 246 -6.60 -18.30 32.60
CA VAL A 246 -7.61 -18.50 31.56
C VAL A 246 -8.14 -19.94 31.57
N LEU A 247 -7.27 -20.90 31.87
CA LEU A 247 -7.71 -22.29 31.99
C LEU A 247 -8.76 -22.43 33.09
N LYS A 248 -8.53 -21.75 34.21
CA LYS A 248 -9.39 -21.88 35.40
C LYS A 248 -10.68 -21.09 35.23
N SER A 249 -10.64 -20.04 34.42
CA SER A 249 -11.85 -19.28 34.10
C SER A 249 -12.95 -20.19 33.59
N GLN A 250 -12.57 -21.21 32.83
CA GLN A 250 -13.52 -22.20 32.30
C GLN A 250 -14.51 -22.64 33.38
N GLY A 251 -13.98 -23.01 34.54
CA GLY A 251 -14.83 -23.46 35.66
C GLY A 251 -15.72 -22.39 36.27
N GLY A 252 -16.14 -21.40 35.46
CA GLY A 252 -17.05 -20.34 35.90
C GLY A 252 -16.42 -19.26 36.76
N ASP A 253 -17.05 -18.09 36.78
CA ASP A 253 -16.68 -16.98 37.66
C ASP A 253 -15.21 -16.56 37.48
N GLY A 254 -14.75 -16.49 36.24
CA GLY A 254 -13.38 -16.09 35.94
C GLY A 254 -13.32 -14.61 35.62
N PHE A 255 -12.50 -13.87 36.37
CA PHE A 255 -12.30 -12.43 36.15
C PHE A 255 -10.84 -12.19 35.83
N TYR A 256 -10.49 -12.08 34.54
CA TYR A 256 -9.09 -11.88 34.13
C TYR A 256 -8.82 -10.69 33.21
N GLY A 257 -7.53 -10.39 33.00
CA GLY A 257 -7.09 -9.18 32.29
C GLY A 257 -5.89 -9.41 31.37
N ARG A 258 -5.21 -8.34 31.00
CA ARG A 258 -4.22 -8.42 29.92
C ARG A 258 -2.99 -9.27 30.24
N GLU A 259 -2.66 -9.35 31.53
CA GLU A 259 -1.59 -10.25 32.00
C GLU A 259 -1.49 -11.58 31.20
N CYS A 260 -2.64 -12.15 30.81
CA CYS A 260 -2.69 -13.46 30.15
C CYS A 260 -1.92 -13.49 28.83
N ASP A 261 -1.95 -12.39 28.09
CA ASP A 261 -1.13 -12.25 26.89
C ASP A 261 0.36 -12.31 27.21
N TRP A 262 0.77 -11.70 28.32
CA TRP A 262 2.19 -11.72 28.71
C TRP A 262 2.63 -13.12 29.06
N TRP A 263 1.73 -13.92 29.62
CA TRP A 263 2.03 -15.34 29.84
C TRP A 263 2.49 -15.93 28.52
N SER A 264 1.66 -15.73 27.51
CA SER A 264 1.91 -16.29 26.20
C SER A 264 3.20 -15.75 25.60
N VAL A 265 3.36 -14.42 25.63
CA VAL A 265 4.64 -13.84 25.22
C VAL A 265 5.78 -14.61 25.93
N GLY A 266 5.54 -15.08 27.15
CA GLY A 266 6.51 -15.91 27.84
C GLY A 266 6.83 -17.18 27.10
N VAL A 267 5.84 -18.07 26.98
CA VAL A 267 6.00 -19.33 26.23
C VAL A 267 6.71 -19.11 24.90
N PHE A 268 6.20 -18.13 24.15
CA PHE A 268 6.79 -17.74 22.90
C PHE A 268 8.31 -17.74 23.01
N LEU A 269 8.87 -16.89 23.88
CA LEU A 269 10.34 -16.76 23.99
C LEU A 269 11.02 -18.07 24.36
N TYR A 270 10.35 -18.90 25.16
CA TYR A 270 10.90 -20.20 25.53
C TYR A 270 11.04 -21.03 24.27
N GLU A 271 9.92 -21.19 23.56
CA GLU A 271 9.85 -21.93 22.31
C GLU A 271 10.95 -21.48 21.37
N MET A 272 11.08 -20.16 21.24
CA MET A 272 12.08 -19.57 20.36
C MET A 272 13.50 -19.97 20.70
N LEU A 273 13.83 -19.92 21.99
CA LEU A 273 15.20 -20.12 22.44
C LEU A 273 15.55 -21.59 22.65
N VAL A 274 14.76 -22.29 23.47
CA VAL A 274 15.04 -23.69 23.80
C VAL A 274 14.81 -24.61 22.59
N GLY A 275 13.66 -24.44 21.94
CA GLY A 275 13.34 -25.20 20.72
C GLY A 275 12.09 -26.07 20.77
N ASP A 276 11.58 -26.30 21.98
CA ASP A 276 10.28 -26.97 22.16
C ASP A 276 9.43 -26.08 23.07
N THR A 277 8.13 -26.37 23.20
CA THR A 277 7.29 -25.58 24.10
C THR A 277 7.51 -26.04 25.53
N PRO A 278 7.36 -25.13 26.51
CA PRO A 278 7.68 -25.47 27.89
C PRO A 278 6.65 -26.32 28.62
N PHE A 279 5.54 -26.65 27.97
CA PHE A 279 4.56 -27.58 28.56
C PHE A 279 4.11 -28.62 27.54
N TYR A 280 5.06 -29.07 26.72
CA TYR A 280 4.79 -29.97 25.61
C TYR A 280 4.36 -31.34 26.15
N ALA A 281 3.56 -32.05 25.37
CA ALA A 281 3.03 -33.33 25.80
C ALA A 281 2.61 -34.16 24.60
N ASP A 282 2.13 -35.37 24.88
CA ASP A 282 1.50 -36.22 23.86
C ASP A 282 -0.03 -36.09 23.92
N SER A 283 -0.53 -34.97 24.44
CA SER A 283 -1.97 -34.80 24.65
C SER A 283 -2.33 -33.43 25.19
N LEU A 284 -3.62 -33.13 25.15
CA LEU A 284 -4.16 -31.87 25.67
C LEU A 284 -4.18 -31.92 27.19
N VAL A 285 -4.75 -32.98 27.75
CA VAL A 285 -4.71 -33.22 29.20
C VAL A 285 -3.29 -33.11 29.74
N GLY A 286 -2.34 -33.67 28.99
CA GLY A 286 -0.93 -33.65 29.37
C GLY A 286 -0.28 -32.28 29.25
N THR A 287 -0.87 -31.42 28.43
CA THR A 287 -0.45 -30.04 28.29
C THR A 287 -1.06 -29.18 29.39
N TYR A 288 -2.38 -29.29 29.59
CA TYR A 288 -3.10 -28.57 30.66
C TYR A 288 -2.53 -28.89 32.04
N SER A 289 -2.68 -30.14 32.46
CA SER A 289 -2.26 -30.56 33.80
C SER A 289 -0.85 -30.08 34.12
N LYS A 290 0.03 -30.08 33.12
CA LYS A 290 1.41 -29.60 33.29
C LYS A 290 1.54 -28.05 33.31
N ILE A 291 0.64 -27.33 32.65
CA ILE A 291 0.62 -25.86 32.73
C ILE A 291 0.16 -25.39 34.12
N MET A 292 -0.76 -26.14 34.72
CA MET A 292 -1.24 -25.81 36.07
C MET A 292 -0.16 -26.02 37.12
N ASP A 293 0.76 -26.96 36.87
CA ASP A 293 1.91 -27.19 37.73
C ASP A 293 3.12 -26.34 37.30
N HIS A 294 2.86 -25.20 36.65
CA HIS A 294 3.96 -24.36 36.13
C HIS A 294 5.04 -24.10 37.17
N LYS A 295 4.62 -23.98 38.43
CA LYS A 295 5.54 -23.83 39.56
C LYS A 295 6.66 -24.88 39.52
N ASN A 296 6.30 -26.16 39.57
CA ASN A 296 7.29 -27.25 39.62
C ASN A 296 7.60 -27.90 38.27
N SER A 297 6.95 -27.46 37.20
CA SER A 297 7.04 -28.14 35.90
C SER A 297 7.93 -27.43 34.88
N LEU A 298 7.88 -26.09 34.84
CA LEU A 298 8.77 -25.35 33.93
C LEU A 298 10.23 -25.68 34.28
N CYS A 299 11.04 -26.00 33.27
CA CYS A 299 12.46 -26.29 33.47
C CYS A 299 13.23 -26.30 32.16
N PHE A 300 14.46 -25.79 32.19
CA PHE A 300 15.29 -25.68 31.00
C PHE A 300 16.12 -26.94 30.79
N PRO A 301 16.58 -27.19 29.55
CA PRO A 301 17.66 -28.14 29.36
C PRO A 301 18.99 -27.46 29.65
N GLU A 302 19.90 -28.17 30.33
CA GLU A 302 21.22 -27.64 30.65
C GLU A 302 21.98 -27.33 29.36
N ASP A 303 21.95 -28.29 28.45
CA ASP A 303 22.55 -28.17 27.11
C ASP A 303 22.13 -26.92 26.33
N ALA A 304 20.86 -26.52 26.42
CA ALA A 304 20.33 -25.39 25.64
C ALA A 304 20.70 -24.02 26.21
N GLU A 305 21.70 -23.99 27.09
CA GLU A 305 22.17 -22.77 27.76
C GLU A 305 21.59 -21.47 27.23
N ILE A 306 20.41 -21.10 27.75
CA ILE A 306 19.86 -19.75 27.57
C ILE A 306 20.53 -18.86 28.61
N SER A 307 20.68 -17.57 28.32
CA SER A 307 21.39 -16.66 29.23
C SER A 307 20.64 -16.48 30.56
N LYS A 308 21.32 -15.87 31.52
CA LYS A 308 20.71 -15.57 32.82
C LYS A 308 19.58 -14.55 32.66
N HIS A 309 19.82 -13.52 31.85
CA HIS A 309 18.82 -12.49 31.60
C HIS A 309 17.59 -13.03 30.87
N ALA A 310 17.82 -13.81 29.81
CA ALA A 310 16.74 -14.46 29.07
C ALA A 310 15.97 -15.42 29.98
N LYS A 311 16.71 -16.23 30.73
CA LYS A 311 16.12 -17.16 31.68
C LYS A 311 15.17 -16.42 32.61
N ASN A 312 15.62 -15.29 33.14
CA ASN A 312 14.80 -14.51 34.07
C ASN A 312 13.54 -13.99 33.39
N LEU A 313 13.67 -13.36 32.21
CA LEU A 313 12.49 -12.81 31.52
C LEU A 313 11.39 -13.86 31.37
N ILE A 314 11.78 -15.07 31.00
CA ILE A 314 10.80 -16.14 30.84
C ILE A 314 10.05 -16.33 32.16
N CYS A 315 10.78 -16.79 33.18
CA CYS A 315 10.19 -17.08 34.47
C CYS A 315 9.35 -15.90 34.98
N ALA A 316 9.80 -14.68 34.67
CA ALA A 316 9.06 -13.46 34.99
C ALA A 316 7.65 -13.52 34.43
N PHE A 317 7.54 -13.91 33.16
CA PHE A 317 6.24 -14.09 32.50
C PHE A 317 5.54 -15.36 32.97
N LEU A 318 6.30 -16.44 33.05
CA LEU A 318 5.77 -17.74 33.47
C LEU A 318 5.67 -17.86 35.00
N THR A 319 4.63 -17.24 35.55
CA THR A 319 4.31 -17.30 37.00
C THR A 319 2.88 -16.83 37.19
N ASP A 320 2.35 -16.93 38.40
CA ASP A 320 1.00 -16.45 38.66
C ASP A 320 0.85 -14.99 38.22
N ARG A 321 -0.39 -14.63 37.91
CA ARG A 321 -0.72 -13.32 37.36
C ARG A 321 -0.38 -12.18 38.31
N GLU A 322 -0.55 -12.43 39.61
CA GLU A 322 -0.34 -11.41 40.65
C GLU A 322 1.13 -10.97 40.73
N VAL A 323 2.06 -11.87 40.41
CA VAL A 323 3.50 -11.56 40.42
C VAL A 323 4.11 -11.42 39.00
N ARG A 324 3.29 -11.54 37.96
CA ARG A 324 3.81 -11.62 36.58
C ARG A 324 4.35 -10.31 36.03
N LEU A 325 5.52 -10.40 35.38
CA LEU A 325 6.11 -9.23 34.75
C LEU A 325 5.05 -8.65 33.83
N GLY A 326 4.80 -7.35 33.97
CA GLY A 326 3.70 -6.73 33.24
C GLY A 326 2.49 -6.46 34.11
N ARG A 327 2.39 -7.12 35.26
CA ARG A 327 1.30 -6.87 36.22
C ARG A 327 1.15 -5.37 36.49
N ASN A 328 2.28 -4.68 36.65
CA ASN A 328 2.29 -3.24 36.92
C ASN A 328 2.91 -2.45 35.76
N GLY A 329 2.34 -2.67 34.58
CA GLY A 329 2.71 -1.91 33.40
C GLY A 329 3.60 -2.64 32.42
N VAL A 330 3.68 -2.09 31.22
CA VAL A 330 4.57 -2.58 30.16
C VAL A 330 6.00 -2.10 30.42
N GLU A 331 6.14 -1.01 31.16
CA GLU A 331 7.42 -0.35 31.39
C GLU A 331 8.42 -1.33 31.98
N GLU A 332 8.00 -2.05 33.02
CA GLU A 332 8.84 -3.06 33.66
C GLU A 332 9.33 -4.12 32.68
N ILE A 333 8.53 -4.37 31.64
CA ILE A 333 8.91 -5.31 30.60
C ILE A 333 9.98 -4.69 29.72
N ARG A 334 9.69 -3.51 29.19
CA ARG A 334 10.63 -2.80 28.32
C ARG A 334 12.04 -2.70 28.90
N GLN A 335 12.13 -2.31 30.17
CA GLN A 335 13.44 -2.04 30.76
C GLN A 335 14.03 -3.22 31.51
N HIS A 336 13.45 -4.41 31.32
CA HIS A 336 14.10 -5.65 31.74
C HIS A 336 15.41 -5.76 30.95
N PRO A 337 16.50 -6.21 31.60
CA PRO A 337 17.82 -6.08 30.98
C PRO A 337 18.08 -6.99 29.77
N PHE A 338 17.32 -8.07 29.65
CA PHE A 338 17.41 -8.94 28.46
C PHE A 338 17.20 -8.19 27.13
N PHE A 339 16.52 -7.04 27.19
CA PHE A 339 16.29 -6.20 26.01
C PHE A 339 17.39 -5.15 25.78
N LYS A 340 18.39 -5.11 26.66
CA LYS A 340 19.53 -4.20 26.48
C LYS A 340 20.34 -4.63 25.26
N ASN A 341 20.59 -3.70 24.35
CA ASN A 341 21.34 -3.98 23.12
C ASN A 341 21.81 -2.70 22.42
N ASP A 342 22.65 -2.85 21.41
CA ASP A 342 23.19 -1.72 20.65
C ASP A 342 22.33 -1.38 19.41
N GLN A 343 21.76 -2.41 18.80
CA GLN A 343 21.07 -2.28 17.51
C GLN A 343 19.89 -1.31 17.48
N TRP A 344 18.99 -1.41 18.45
CA TRP A 344 17.71 -0.69 18.39
C TRP A 344 17.23 -0.16 19.74
N HIS A 345 16.51 0.97 19.70
CA HIS A 345 15.83 1.48 20.88
C HIS A 345 14.35 1.22 20.68
N TRP A 346 13.54 1.39 21.73
CA TRP A 346 12.09 1.16 21.62
C TRP A 346 11.39 2.28 20.84
N ASP A 347 12.09 3.39 20.63
CA ASP A 347 11.60 4.51 19.83
C ASP A 347 11.52 4.14 18.35
N ASN A 348 12.44 3.29 17.91
CA ASN A 348 12.69 3.10 16.48
C ASN A 348 12.88 1.64 16.01
N ILE A 349 12.59 0.66 16.84
CA ILE A 349 12.94 -0.73 16.49
C ILE A 349 12.44 -1.08 15.08
N ARG A 350 11.20 -0.71 14.77
CA ARG A 350 10.56 -1.13 13.51
C ARG A 350 11.11 -0.44 12.27
N GLU A 351 11.97 0.56 12.45
CA GLU A 351 12.68 1.13 11.30
C GLU A 351 14.13 0.66 11.25
N THR A 352 14.48 -0.36 12.03
CA THR A 352 15.85 -0.92 12.01
C THR A 352 15.87 -2.23 11.24
N ALA A 353 17.08 -2.65 10.87
CA ALA A 353 17.30 -3.80 9.99
C ALA A 353 16.96 -5.12 10.67
N ALA A 354 15.74 -5.63 10.43
CA ALA A 354 15.32 -6.90 11.04
C ALA A 354 16.35 -8.03 10.85
N PRO A 355 16.30 -9.07 11.68
CA PRO A 355 17.23 -10.20 11.65
C PRO A 355 17.25 -10.99 10.33
N VAL A 356 16.08 -11.22 9.75
CA VAL A 356 15.92 -11.98 8.51
C VAL A 356 15.00 -11.25 7.52
N VAL A 357 15.57 -10.69 6.46
CA VAL A 357 14.77 -9.99 5.45
C VAL A 357 14.37 -10.96 4.34
N PRO A 358 13.06 -11.10 4.08
CA PRO A 358 12.57 -12.06 3.09
C PRO A 358 13.19 -11.88 1.70
N GLU A 359 13.71 -12.98 1.16
CA GLU A 359 14.08 -13.06 -0.25
C GLU A 359 12.83 -13.45 -1.04
N LEU A 360 12.41 -12.56 -1.94
CA LEU A 360 11.15 -12.70 -2.67
C LEU A 360 11.34 -12.25 -4.10
N SER A 361 10.83 -13.05 -5.03
CA SER A 361 11.08 -12.87 -6.46
C SER A 361 10.11 -11.86 -7.10
N SER A 362 8.85 -11.92 -6.68
CA SER A 362 7.80 -11.11 -7.27
C SER A 362 6.73 -10.77 -6.26
N ASP A 363 5.82 -9.89 -6.65
CA ASP A 363 4.71 -9.50 -5.79
C ASP A 363 3.71 -10.63 -5.52
N ILE A 364 3.89 -11.78 -6.15
CA ILE A 364 3.08 -12.96 -5.84
C ILE A 364 3.96 -14.13 -5.38
N ASP A 365 5.18 -13.83 -4.94
CA ASP A 365 6.01 -14.86 -4.32
C ASP A 365 5.45 -15.21 -2.97
N SER A 366 4.98 -16.44 -2.82
CA SER A 366 4.49 -16.95 -1.54
C SER A 366 5.32 -18.15 -1.11
N SER A 367 6.63 -18.07 -1.31
CA SER A 367 7.53 -19.18 -0.96
C SER A 367 7.59 -19.44 0.54
N ASN A 368 7.46 -18.38 1.34
CA ASN A 368 7.47 -18.50 2.80
C ASN A 368 6.19 -19.07 3.41
N PHE A 369 5.28 -19.55 2.58
CA PHE A 369 4.09 -20.27 3.04
C PHE A 369 4.11 -21.69 2.50
N ASP A 370 3.53 -22.61 3.25
CA ASP A 370 3.47 -24.01 2.83
C ASP A 370 2.46 -24.17 1.71
N ASP A 371 2.57 -25.28 0.99
CA ASP A 371 1.60 -25.60 -0.05
C ASP A 371 0.39 -26.24 0.59
N ILE A 372 -0.79 -25.74 0.23
CA ILE A 372 -2.03 -26.25 0.77
C ILE A 372 -2.67 -27.14 -0.29
N GLU A 373 -3.27 -28.25 0.14
CA GLU A 373 -3.86 -29.27 -0.75
C GLU A 373 -4.90 -28.68 -1.73
N ASP A 374 -6.19 -28.98 -1.52
CA ASP A 374 -7.34 -28.28 -2.16
C ASP A 374 -8.65 -29.10 -2.22
N ASP A 375 -8.54 -30.43 -2.12
CA ASP A 375 -9.70 -31.33 -1.94
C ASP A 375 -11.06 -30.63 -1.81
N VAL A 379 -17.80 -26.40 -0.20
CA VAL A 379 -18.86 -26.83 -1.11
C VAL A 379 -20.19 -27.20 -0.43
N GLU A 380 -20.23 -27.24 0.90
CA GLU A 380 -21.43 -27.62 1.64
C GLU A 380 -22.23 -26.37 2.02
N THR A 381 -23.48 -26.29 1.56
CA THR A 381 -24.32 -25.12 1.83
C THR A 381 -25.57 -25.46 2.67
N PHE A 382 -26.29 -24.42 3.11
CA PHE A 382 -27.47 -24.57 3.97
C PHE A 382 -28.52 -25.42 3.29
N PRO A 383 -29.31 -26.18 4.06
CA PRO A 383 -30.48 -26.80 3.46
C PRO A 383 -31.55 -25.73 3.24
N ILE A 384 -32.40 -25.91 2.24
CA ILE A 384 -33.52 -25.00 2.03
C ILE A 384 -34.40 -25.00 3.28
N PRO A 385 -34.74 -23.81 3.78
CA PRO A 385 -35.60 -23.77 4.96
C PRO A 385 -37.07 -23.96 4.61
N LYS A 386 -37.84 -24.43 5.60
CA LYS A 386 -39.29 -24.58 5.47
C LYS A 386 -40.00 -23.40 6.13
N ALA A 387 -39.48 -22.95 7.26
CA ALA A 387 -39.90 -21.68 7.85
C ALA A 387 -38.69 -20.76 7.95
N PHE A 388 -38.93 -19.50 8.28
CA PHE A 388 -37.86 -18.51 8.39
C PHE A 388 -36.91 -18.88 9.52
N VAL A 389 -35.64 -19.09 9.20
CA VAL A 389 -34.61 -19.37 10.23
C VAL A 389 -33.62 -18.22 10.46
N GLY A 390 -33.39 -17.41 9.42
CA GLY A 390 -32.54 -16.21 9.51
C GLY A 390 -31.02 -16.43 9.55
N ASN A 391 -30.48 -17.28 8.70
CA ASN A 391 -29.05 -17.60 8.72
C ASN A 391 -28.10 -16.50 8.28
N GLN A 392 -28.60 -15.53 7.54
CA GLN A 392 -27.77 -14.40 7.11
C GLN A 392 -27.81 -13.23 8.11
N LEU A 393 -28.62 -13.32 9.16
CA LEU A 393 -28.73 -12.23 10.14
C LEU A 393 -27.44 -11.94 10.91
N PRO A 394 -26.70 -12.97 11.34
CA PRO A 394 -25.42 -12.78 12.02
C PRO A 394 -24.41 -11.92 11.29
N PHE A 395 -24.52 -11.82 9.96
CA PHE A 395 -23.49 -11.20 9.14
C PHE A 395 -23.85 -9.80 8.61
N ILE A 396 -24.91 -9.22 9.17
CA ILE A 396 -25.35 -7.87 8.82
C ILE A 396 -24.51 -6.80 9.50
N GLY A 397 -23.76 -6.04 8.72
CA GLY A 397 -22.89 -5.00 9.24
C GLY A 397 -21.45 -5.34 8.99
N PHE A 398 -21.21 -6.46 8.33
CA PHE A 398 -19.85 -6.89 8.07
C PHE A 398 -19.18 -6.15 6.90
N THR A 399 -19.96 -5.66 5.95
CA THR A 399 -19.37 -5.06 4.75
C THR A 399 -18.68 -3.75 5.09
N TYR A 400 -17.50 -3.54 4.52
CA TYR A 400 -16.70 -2.36 4.85
C TYR A 400 -15.86 -1.92 3.67
N TYR A 401 -15.91 -0.63 3.34
CA TYR A 401 -15.04 -0.07 2.29
C TYR A 401 -14.18 1.11 2.77
N ARG A 402 -12.86 0.94 2.65
CA ARG A 402 -11.89 2.04 2.80
C ARG A 402 -12.48 3.36 2.35
N GLN B 12 -31.02 21.22 -11.85
CA GLN B 12 -30.64 21.47 -10.44
C GLN B 12 -30.03 20.22 -9.79
N ARG B 13 -29.80 19.20 -10.61
CA ARG B 13 -29.48 17.84 -10.14
C ARG B 13 -28.10 17.36 -10.60
N LYS B 14 -27.68 17.83 -11.77
CA LYS B 14 -26.31 17.67 -12.23
C LYS B 14 -25.31 18.17 -11.18
N LEU B 15 -25.58 19.36 -10.62
CA LEU B 15 -24.62 20.04 -9.72
C LEU B 15 -24.07 19.10 -8.66
N GLU B 16 -24.95 18.51 -7.87
CA GLU B 16 -24.56 17.55 -6.82
C GLU B 16 -23.44 16.64 -7.33
N ALA B 17 -23.72 15.95 -8.44
CA ALA B 17 -22.74 15.06 -9.06
C ALA B 17 -21.47 15.81 -9.34
N LEU B 18 -21.61 16.95 -10.02
CA LEU B 18 -20.46 17.76 -10.41
C LEU B 18 -19.53 18.01 -9.22
N ILE B 19 -20.09 18.45 -8.09
CA ILE B 19 -19.28 18.74 -6.90
C ILE B 19 -18.81 17.44 -6.24
N ARG B 20 -19.56 16.36 -6.38
CA ARG B 20 -19.15 15.06 -5.82
C ARG B 20 -18.01 14.40 -6.60
N ASP B 21 -17.88 14.71 -7.88
CA ASP B 21 -16.93 14.02 -8.75
C ASP B 21 -15.48 14.37 -8.42
N PRO B 22 -14.65 13.36 -8.08
CA PRO B 22 -13.22 13.66 -7.82
C PRO B 22 -12.48 14.22 -9.03
N ARG B 23 -12.96 13.88 -10.22
CA ARG B 23 -12.43 14.42 -11.47
C ARG B 23 -12.77 15.90 -11.63
N SER B 24 -13.94 16.30 -11.13
CA SER B 24 -14.43 17.66 -11.34
C SER B 24 -13.42 18.72 -10.88
N PRO B 25 -13.46 19.90 -11.51
CA PRO B 25 -12.73 21.10 -11.05
C PRO B 25 -13.53 21.94 -10.04
N ILE B 26 -14.83 21.65 -9.90
CA ILE B 26 -15.62 22.29 -8.86
C ILE B 26 -16.08 21.30 -7.80
N ASN B 27 -15.28 20.26 -7.58
CA ASN B 27 -15.46 19.42 -6.40
C ASN B 27 -15.01 20.20 -5.17
N VAL B 28 -15.63 19.91 -4.03
CA VAL B 28 -15.39 20.65 -2.78
C VAL B 28 -13.92 21.02 -2.54
N GLU B 29 -13.01 20.07 -2.72
CA GLU B 29 -11.58 20.34 -2.48
C GLU B 29 -11.11 21.57 -3.24
N SER B 30 -11.61 21.73 -4.46
CA SER B 30 -11.19 22.81 -5.35
C SER B 30 -11.86 24.11 -4.94
N LEU B 31 -13.07 24.01 -4.41
CA LEU B 31 -13.77 25.16 -3.88
C LEU B 31 -13.07 25.63 -2.61
N LEU B 32 -12.72 24.70 -1.72
CA LEU B 32 -11.93 25.02 -0.54
C LEU B 32 -10.60 25.66 -0.99
N ASP B 33 -9.96 25.10 -2.00
CA ASP B 33 -8.72 25.70 -2.55
C ASP B 33 -9.02 27.14 -2.98
N GLY B 34 -10.18 27.33 -3.60
CA GLY B 34 -10.60 28.64 -4.09
C GLY B 34 -10.67 29.68 -3.00
N LEU B 35 -11.42 29.38 -1.95
CA LEU B 35 -11.55 30.28 -0.81
C LEU B 35 -10.17 30.52 -0.20
N ASN B 36 -9.37 29.46 -0.05
CA ASN B 36 -8.05 29.60 0.56
C ASN B 36 -7.03 30.34 -0.30
N SER B 37 -7.16 30.27 -1.61
CA SER B 37 -6.28 31.02 -2.52
C SER B 37 -6.70 32.47 -2.57
N LEU B 38 -7.99 32.72 -2.36
CA LEU B 38 -8.52 34.08 -2.39
C LEU B 38 -8.07 34.86 -1.17
N VAL B 39 -8.15 34.22 -0.01
CA VAL B 39 -7.71 34.82 1.23
C VAL B 39 -6.22 35.11 1.20
N LEU B 40 -5.40 34.12 0.84
CA LEU B 40 -3.93 34.33 0.78
C LEU B 40 -3.54 35.43 -0.18
N ASP B 41 -4.33 35.66 -1.22
CA ASP B 41 -4.02 36.70 -2.20
C ASP B 41 -4.51 38.11 -1.84
N LEU B 42 -5.46 38.19 -0.91
CA LEU B 42 -6.01 39.48 -0.48
C LEU B 42 -5.46 40.00 0.86
N ASP B 43 -4.89 39.14 1.69
CA ASP B 43 -4.46 39.51 3.03
C ASP B 43 -3.10 40.19 3.01
N PHE B 44 -3.12 41.47 2.65
CA PHE B 44 -1.93 42.32 2.68
C PHE B 44 -2.37 43.74 3.00
N PRO B 45 -1.58 44.45 3.80
CA PRO B 45 -1.88 45.81 4.22
C PRO B 45 -2.37 46.70 3.08
N ALA B 46 -1.60 46.74 1.99
CA ALA B 46 -1.89 47.64 0.86
C ALA B 46 -3.28 47.43 0.29
N LEU B 47 -3.60 46.15 0.05
CA LEU B 47 -4.90 45.76 -0.50
C LEU B 47 -5.99 45.91 0.55
N ARG B 48 -5.68 45.58 1.81
CA ARG B 48 -6.64 45.75 2.91
C ARG B 48 -7.07 47.22 3.14
N LYS B 49 -6.38 48.17 2.51
CA LYS B 49 -6.89 49.55 2.42
C LYS B 49 -8.21 49.58 1.63
N ASN B 50 -8.46 48.55 0.83
CA ASN B 50 -9.74 48.41 0.15
C ASN B 50 -10.76 47.86 1.13
N LYS B 51 -11.79 48.65 1.42
CA LYS B 51 -12.83 48.27 2.36
C LYS B 51 -13.38 46.85 2.05
N ASN B 52 -13.78 46.64 0.81
CA ASN B 52 -14.39 45.38 0.37
C ASN B 52 -13.50 44.19 0.67
N ILE B 53 -12.24 44.28 0.25
CA ILE B 53 -11.26 43.23 0.55
C ILE B 53 -11.19 43.03 2.05
N ASP B 54 -11.22 44.12 2.80
CA ASP B 54 -11.07 44.07 4.25
C ASP B 54 -12.30 43.45 4.92
N ASN B 55 -13.49 43.90 4.50
CA ASN B 55 -14.74 43.31 4.98
C ASN B 55 -14.76 41.82 4.73
N PHE B 56 -14.44 41.44 3.50
CA PHE B 56 -14.34 40.04 3.14
C PHE B 56 -13.49 39.27 4.14
N LEU B 57 -12.22 39.64 4.24
CA LEU B 57 -11.27 38.91 5.08
C LEU B 57 -11.67 38.89 6.55
N ASN B 58 -12.26 39.98 7.04
CA ASN B 58 -12.78 39.98 8.40
C ASN B 58 -13.76 38.83 8.62
N ARG B 59 -14.55 38.48 7.60
CA ARG B 59 -15.51 37.39 7.73
C ARG B 59 -14.89 36.00 7.65
N TYR B 60 -13.97 35.80 6.70
CA TYR B 60 -13.47 34.46 6.42
C TYR B 60 -12.08 34.15 6.97
N GLU B 61 -11.19 35.13 6.99
CA GLU B 61 -9.82 34.98 7.54
C GLU B 61 -9.80 34.07 8.77
N LYS B 62 -10.77 34.25 9.66
CA LYS B 62 -10.92 33.38 10.84
C LYS B 62 -11.03 31.89 10.47
N ILE B 63 -12.20 31.44 10.03
CA ILE B 63 -12.44 29.99 9.77
C ILE B 63 -11.45 29.42 8.77
N VAL B 64 -11.07 30.24 7.80
CA VAL B 64 -10.05 29.86 6.81
C VAL B 64 -8.75 29.35 7.42
N LYS B 65 -8.46 29.73 8.66
CA LYS B 65 -7.38 29.11 9.40
C LYS B 65 -7.85 27.74 9.94
N LYS B 66 -8.97 27.73 10.67
CA LYS B 66 -9.49 26.50 11.26
C LYS B 66 -9.56 25.39 10.21
N ILE B 67 -10.07 25.76 9.03
CA ILE B 67 -10.11 24.88 7.87
C ILE B 67 -8.69 24.42 7.50
N ARG B 68 -7.78 25.38 7.37
CA ARG B 68 -6.38 25.12 7.01
C ARG B 68 -5.71 24.07 7.92
N GLY B 69 -6.06 24.08 9.19
CA GLY B 69 -5.45 23.19 10.18
C GLY B 69 -6.09 21.82 10.16
N LEU B 70 -7.38 21.79 9.87
CA LEU B 70 -8.10 20.53 9.73
C LEU B 70 -7.70 19.80 8.45
N GLN B 71 -7.22 20.57 7.48
CA GLN B 71 -6.77 20.04 6.18
C GLN B 71 -5.41 19.39 6.32
N MET B 72 -5.01 18.59 5.33
CA MET B 72 -3.76 17.83 5.40
C MET B 72 -2.60 18.80 5.22
N LYS B 73 -1.50 18.56 5.94
CA LYS B 73 -0.42 19.53 6.02
C LYS B 73 0.93 18.86 6.03
N ALA B 74 1.97 19.62 5.70
CA ALA B 74 3.33 19.10 5.66
C ALA B 74 3.78 18.61 7.03
N GLU B 75 3.27 19.24 8.09
CA GLU B 75 3.64 18.86 9.46
C GLU B 75 3.02 17.53 9.89
N ASP B 76 2.04 17.03 9.14
CA ASP B 76 1.52 15.69 9.37
C ASP B 76 2.57 14.62 9.03
N TYR B 77 3.63 14.99 8.30
CA TYR B 77 4.67 14.03 7.86
C TYR B 77 6.05 14.31 8.44
N ASP B 78 6.74 13.26 8.87
CA ASP B 78 8.17 13.33 9.17
C ASP B 78 8.93 13.39 7.85
N VAL B 79 10.08 14.05 7.85
CA VAL B 79 10.95 14.06 6.68
C VAL B 79 12.19 13.21 6.95
N VAL B 80 12.19 11.99 6.42
CA VAL B 80 13.28 11.05 6.67
C VAL B 80 14.55 11.44 5.93
N LYS B 81 14.43 11.69 4.62
CA LYS B 81 15.61 11.91 3.78
C LYS B 81 15.23 12.51 2.43
N VAL B 82 16.04 13.44 1.93
CA VAL B 82 15.82 14.05 0.61
C VAL B 82 16.49 13.22 -0.47
N ILE B 83 15.68 12.61 -1.34
CA ILE B 83 16.18 11.65 -2.33
C ILE B 83 16.34 12.23 -3.73
N GLY B 84 15.85 13.45 -3.95
CA GLY B 84 16.01 14.14 -5.22
C GLY B 84 15.76 15.62 -5.15
N ARG B 85 16.55 16.39 -5.89
CA ARG B 85 16.33 17.82 -6.04
C ARG B 85 16.47 18.25 -7.49
N GLY B 86 15.48 19.00 -7.96
CA GLY B 86 15.50 19.61 -9.28
C GLY B 86 15.23 21.09 -9.15
N ALA B 87 14.91 21.73 -10.27
CA ALA B 87 14.89 23.19 -10.37
C ALA B 87 13.61 23.82 -9.83
N PHE B 88 12.57 23.00 -9.65
CA PHE B 88 11.32 23.47 -9.06
C PHE B 88 11.09 22.90 -7.67
N GLY B 89 11.98 22.02 -7.21
CA GLY B 89 11.91 21.54 -5.84
C GLY B 89 12.64 20.25 -5.56
N GLU B 90 12.01 19.41 -4.73
CA GLU B 90 12.65 18.24 -4.19
C GLU B 90 11.72 17.08 -4.16
N VAL B 91 12.29 15.90 -3.94
CA VAL B 91 11.53 14.73 -3.58
C VAL B 91 12.06 14.25 -2.24
N GLN B 92 11.16 14.09 -1.29
CA GLN B 92 11.53 13.69 0.07
C GLN B 92 10.97 12.31 0.37
N LEU B 93 11.75 11.49 1.04
CA LEU B 93 11.25 10.25 1.62
C LEU B 93 10.64 10.62 2.96
N VAL B 94 9.34 10.44 3.10
CA VAL B 94 8.63 10.85 4.31
C VAL B 94 7.81 9.76 4.97
N ARG B 95 7.45 9.98 6.23
CA ARG B 95 6.62 9.05 6.98
C ARG B 95 5.47 9.81 7.58
N HIS B 96 4.26 9.30 7.40
CA HIS B 96 3.08 9.96 7.91
C HIS B 96 2.99 9.62 9.39
N LYS B 97 2.84 10.65 10.23
CA LYS B 97 2.96 10.49 11.70
C LYS B 97 1.87 9.61 12.30
N ALA B 98 0.61 9.91 11.99
CA ALA B 98 -0.53 9.12 12.47
C ALA B 98 -0.47 7.66 12.00
N SER B 99 -0.27 7.44 10.70
CA SER B 99 -0.33 6.08 10.13
C SER B 99 1.01 5.33 10.14
N GLN B 100 2.11 6.06 10.27
CA GLN B 100 3.47 5.50 10.25
C GLN B 100 3.80 4.81 8.93
N LYS B 101 3.06 5.17 7.89
CA LYS B 101 3.27 4.62 6.55
C LYS B 101 4.27 5.52 5.82
N VAL B 102 5.20 4.90 5.10
CA VAL B 102 6.23 5.67 4.39
C VAL B 102 5.72 6.05 3.00
N TYR B 103 6.22 7.15 2.45
CA TYR B 103 5.79 7.63 1.13
C TYR B 103 6.90 8.49 0.54
N ALA B 104 6.81 8.77 -0.76
CA ALA B 104 7.66 9.76 -1.40
C ALA B 104 6.80 10.99 -1.54
N MET B 105 7.41 12.16 -1.37
CA MET B 105 6.66 13.40 -1.45
C MET B 105 7.42 14.41 -2.27
N LYS B 106 6.82 14.81 -3.38
CA LYS B 106 7.48 15.72 -4.29
C LYS B 106 6.99 17.08 -3.84
N LEU B 107 7.91 18.03 -3.72
CA LEU B 107 7.54 19.39 -3.34
C LEU B 107 7.87 20.32 -4.49
N LEU B 108 6.87 21.05 -4.97
CA LEU B 108 7.05 21.98 -6.08
C LEU B 108 6.92 23.42 -5.62
N SER B 109 7.96 24.22 -5.83
CA SER B 109 8.03 25.60 -5.32
C SER B 109 7.13 26.54 -6.08
N LYS B 110 6.16 27.15 -5.40
CA LYS B 110 5.29 28.14 -6.02
C LYS B 110 6.03 29.37 -6.55
N PHE B 111 7.04 29.86 -5.82
CA PHE B 111 7.80 31.04 -6.28
C PHE B 111 8.50 30.73 -7.61
N GLU B 112 9.13 29.57 -7.68
CA GLU B 112 9.91 29.20 -8.86
C GLU B 112 9.02 28.92 -10.08
N MET B 113 7.76 28.54 -9.87
CA MET B 113 6.86 28.21 -10.98
C MET B 113 6.23 29.45 -11.60
N ILE B 114 6.04 30.49 -10.79
CA ILE B 114 5.60 31.78 -11.31
C ILE B 114 6.81 32.48 -11.94
N LYS B 115 7.91 32.56 -11.19
CA LYS B 115 9.12 33.31 -11.61
C LYS B 115 9.79 32.78 -12.87
N ARG B 116 9.64 31.47 -13.11
CA ARG B 116 10.08 30.83 -14.35
C ARG B 116 8.92 30.70 -15.34
N SER B 117 7.91 31.56 -15.20
CA SER B 117 6.68 31.53 -16.02
C SER B 117 6.37 30.14 -16.57
N ASP B 118 6.10 29.22 -15.65
CA ASP B 118 5.87 27.84 -15.98
C ASP B 118 5.07 27.22 -14.83
N SER B 119 3.78 27.59 -14.77
CA SER B 119 2.93 27.24 -13.62
C SER B 119 1.70 26.38 -14.00
N ALA B 120 1.89 25.44 -14.92
CA ALA B 120 0.78 24.57 -15.33
C ALA B 120 1.21 23.18 -15.82
N PHE B 121 2.44 22.77 -15.53
CA PHE B 121 2.97 21.51 -16.07
C PHE B 121 2.51 20.28 -15.30
N PHE B 122 1.96 20.51 -14.11
CA PHE B 122 1.74 19.46 -13.12
C PHE B 122 0.32 18.89 -13.14
N TRP B 123 -0.58 19.51 -13.90
CA TRP B 123 -1.97 19.01 -13.91
C TRP B 123 -2.08 17.58 -14.43
N GLU B 124 -1.39 17.29 -15.53
CA GLU B 124 -1.45 15.97 -16.12
C GLU B 124 -0.73 14.96 -15.24
N GLU B 125 0.39 15.35 -14.65
CA GLU B 125 1.04 14.51 -13.66
C GLU B 125 0.04 14.14 -12.53
N ARG B 126 -0.68 15.15 -12.02
CA ARG B 126 -1.65 14.90 -10.98
C ARG B 126 -2.60 13.80 -11.40
N ASP B 127 -3.25 13.99 -12.54
CA ASP B 127 -4.28 13.08 -13.01
C ASP B 127 -3.72 11.70 -13.33
N ILE B 128 -2.64 11.66 -14.10
CA ILE B 128 -2.03 10.39 -14.46
C ILE B 128 -1.84 9.60 -13.17
N MET B 129 -1.15 10.20 -12.21
CA MET B 129 -0.82 9.48 -10.98
C MET B 129 -2.07 9.20 -10.11
N ALA B 130 -2.99 10.15 -10.05
CA ALA B 130 -4.22 9.96 -9.29
C ALA B 130 -5.08 8.86 -9.86
N PHE B 131 -5.26 8.86 -11.19
CA PHE B 131 -6.36 8.12 -11.79
C PHE B 131 -6.00 7.00 -12.77
N ALA B 132 -4.71 6.74 -12.94
CA ALA B 132 -4.25 5.63 -13.78
C ALA B 132 -4.88 4.29 -13.40
N ASN B 133 -4.77 3.89 -12.15
CA ASN B 133 -4.99 2.50 -11.73
C ASN B 133 -4.20 1.58 -12.66
N SER B 134 -2.92 1.88 -12.80
CA SER B 134 -2.03 1.09 -13.64
C SER B 134 -0.75 0.71 -12.91
N PRO B 135 -0.37 -0.56 -12.94
CA PRO B 135 0.88 -1.01 -12.30
C PRO B 135 2.16 -0.38 -12.86
N TRP B 136 2.05 0.43 -13.91
CA TRP B 136 3.22 1.03 -14.58
C TRP B 136 3.36 2.54 -14.28
N VAL B 137 2.32 3.17 -13.71
CA VAL B 137 2.40 4.56 -13.25
C VAL B 137 2.52 4.60 -11.74
N VAL B 138 3.47 5.38 -11.22
CA VAL B 138 3.59 5.56 -9.77
C VAL B 138 2.33 6.27 -9.29
N GLN B 139 1.77 5.76 -8.21
CA GLN B 139 0.44 6.17 -7.75
C GLN B 139 0.49 7.37 -6.82
N LEU B 140 -0.40 8.34 -7.02
CA LEU B 140 -0.50 9.51 -6.12
C LEU B 140 -1.67 9.30 -5.19
N PHE B 141 -1.39 9.36 -3.88
CA PHE B 141 -2.41 9.13 -2.86
C PHE B 141 -3.07 10.42 -2.38
N TYR B 142 -2.27 11.48 -2.26
CA TYR B 142 -2.77 12.81 -1.88
C TYR B 142 -1.95 13.93 -2.53
N ALA B 143 -2.66 14.95 -2.99
CA ALA B 143 -2.07 16.17 -3.51
C ALA B 143 -2.58 17.25 -2.60
N PHE B 144 -1.68 17.99 -1.98
CA PHE B 144 -2.12 19.11 -1.14
C PHE B 144 -1.15 20.29 -1.33
N GLN B 145 -1.50 21.44 -0.77
CA GLN B 145 -0.70 22.63 -0.97
C GLN B 145 -0.71 23.60 0.21
N ASP B 146 0.27 24.50 0.22
CA ASP B 146 0.28 25.61 1.19
C ASP B 146 0.80 26.88 0.52
N ASP B 147 0.96 27.96 1.28
CA ASP B 147 1.32 29.25 0.67
C ASP B 147 2.62 29.23 -0.15
N ARG B 148 3.52 28.28 0.12
CA ARG B 148 4.84 28.24 -0.54
C ARG B 148 5.00 27.06 -1.52
N TYR B 149 4.40 25.91 -1.22
CA TYR B 149 4.65 24.69 -1.97
C TYR B 149 3.41 23.93 -2.43
N LEU B 150 3.65 23.07 -3.42
CA LEU B 150 2.73 22.00 -3.78
C LEU B 150 3.35 20.69 -3.31
N TYR B 151 2.51 19.74 -2.92
CA TYR B 151 2.98 18.46 -2.41
C TYR B 151 2.28 17.30 -3.09
N MET B 152 3.05 16.28 -3.48
CA MET B 152 2.48 15.07 -4.03
C MET B 152 2.94 13.86 -3.24
N VAL B 153 1.98 13.15 -2.63
CA VAL B 153 2.30 11.95 -1.85
C VAL B 153 2.16 10.69 -2.71
N MET B 154 3.29 10.06 -2.99
CA MET B 154 3.37 9.00 -3.99
C MET B 154 3.78 7.71 -3.31
N GLU B 155 3.56 6.57 -3.94
CA GLU B 155 4.12 5.35 -3.41
C GLU B 155 5.62 5.43 -3.54
N TYR B 156 6.31 5.00 -2.50
CA TYR B 156 7.76 5.03 -2.49
C TYR B 156 8.26 3.94 -3.45
N MET B 157 9.03 4.34 -4.45
CA MET B 157 9.73 3.41 -5.33
C MET B 157 11.16 3.29 -4.79
N PRO B 158 11.41 2.26 -3.98
CA PRO B 158 12.66 2.13 -3.23
C PRO B 158 13.85 1.56 -3.99
N GLY B 159 13.65 1.07 -5.20
CA GLY B 159 14.73 0.49 -5.97
C GLY B 159 15.62 1.50 -6.70
N GLY B 160 15.31 2.78 -6.58
CA GLY B 160 16.05 3.81 -7.30
C GLY B 160 15.64 3.83 -8.77
N ASP B 161 16.43 4.49 -9.61
CA ASP B 161 16.13 4.60 -11.05
C ASP B 161 17.12 3.82 -11.91
N LEU B 162 16.98 3.91 -13.23
CA LEU B 162 17.84 3.13 -14.11
C LEU B 162 19.20 3.77 -14.34
N VAL B 163 19.28 5.09 -14.28
CA VAL B 163 20.59 5.78 -14.29
C VAL B 163 21.48 5.19 -13.20
N ASN B 164 20.87 4.91 -12.05
CA ASN B 164 21.59 4.28 -10.96
C ASN B 164 21.96 2.84 -11.30
N LEU B 165 20.97 2.02 -11.67
CA LEU B 165 21.22 0.63 -12.03
C LEU B 165 22.32 0.51 -13.09
N MET B 166 22.22 1.34 -14.12
CA MET B 166 23.21 1.35 -15.21
C MET B 166 24.58 1.90 -14.79
N SER B 167 24.62 2.68 -13.73
CA SER B 167 25.87 3.15 -13.13
C SER B 167 26.55 2.02 -12.38
N ASN B 168 25.76 1.12 -11.81
CA ASN B 168 26.31 0.07 -10.97
C ASN B 168 26.43 -1.28 -11.68
N TYR B 169 26.00 -1.34 -12.94
CA TYR B 169 26.08 -2.60 -13.70
C TYR B 169 26.60 -2.45 -15.13
N ASP B 170 26.96 -3.60 -15.69
CA ASP B 170 27.05 -3.81 -17.12
C ASP B 170 25.88 -4.74 -17.41
N VAL B 171 24.82 -4.19 -18.00
CA VAL B 171 23.58 -4.95 -18.22
C VAL B 171 23.74 -5.86 -19.43
N PRO B 172 23.47 -7.17 -19.26
CA PRO B 172 23.50 -8.11 -20.38
C PRO B 172 22.22 -8.05 -21.21
N GLU B 173 22.22 -8.76 -22.33
CA GLU B 173 21.07 -8.76 -23.25
C GLU B 173 19.79 -9.27 -22.56
N LYS B 174 19.94 -10.32 -21.75
CA LYS B 174 18.81 -10.92 -21.03
C LYS B 174 18.04 -9.88 -20.23
N TRP B 175 18.79 -8.98 -19.59
CA TRP B 175 18.21 -7.92 -18.75
C TRP B 175 17.62 -6.80 -19.61
N ALA B 176 18.37 -6.35 -20.61
CA ALA B 176 17.94 -5.27 -21.48
C ALA B 176 16.60 -5.55 -22.15
N LYS B 177 16.38 -6.82 -22.48
CA LYS B 177 15.09 -7.27 -23.02
C LYS B 177 13.97 -6.93 -22.05
N PHE B 178 14.11 -7.36 -20.81
CA PHE B 178 13.11 -7.12 -19.75
C PHE B 178 12.75 -5.64 -19.61
N TYR B 179 13.70 -4.82 -19.22
CA TYR B 179 13.41 -3.42 -18.90
C TYR B 179 12.71 -2.72 -20.06
N THR B 180 13.19 -2.97 -21.27
CA THR B 180 12.58 -2.39 -22.47
C THR B 180 11.14 -2.84 -22.63
N ALA B 181 10.93 -4.14 -22.49
CA ALA B 181 9.59 -4.70 -22.55
C ALA B 181 8.67 -3.92 -21.65
N GLU B 182 9.06 -3.80 -20.39
CA GLU B 182 8.24 -3.11 -19.40
C GLU B 182 8.11 -1.64 -19.79
N VAL B 183 9.22 -1.01 -20.16
CA VAL B 183 9.13 0.37 -20.62
C VAL B 183 8.10 0.49 -21.76
N VAL B 184 8.02 -0.57 -22.56
CA VAL B 184 7.11 -0.59 -23.69
C VAL B 184 5.66 -0.74 -23.24
N LEU B 185 5.37 -1.75 -22.44
CA LEU B 185 4.02 -1.90 -21.89
C LEU B 185 3.64 -0.62 -21.11
N ALA B 186 4.60 -0.10 -20.34
CA ALA B 186 4.40 1.12 -19.57
C ALA B 186 3.90 2.23 -20.45
N LEU B 187 4.68 2.51 -21.50
CA LEU B 187 4.33 3.52 -22.48
C LEU B 187 3.02 3.22 -23.19
N ASP B 188 2.84 1.97 -23.60
CA ASP B 188 1.59 1.63 -24.24
C ASP B 188 0.48 2.11 -23.30
N ALA B 189 0.61 1.71 -22.03
CA ALA B 189 -0.39 2.09 -21.01
C ALA B 189 -0.77 3.55 -21.13
N ILE B 190 0.25 4.40 -21.19
CA ILE B 190 0.01 5.84 -21.21
C ILE B 190 -0.69 6.25 -22.49
N HIS B 191 -0.10 5.87 -23.61
CA HIS B 191 -0.68 6.17 -24.91
C HIS B 191 -2.17 5.85 -24.93
N SER B 192 -2.53 4.67 -24.40
CA SER B 192 -3.92 4.23 -24.38
C SER B 192 -4.82 5.09 -23.50
N MET B 193 -4.21 5.94 -22.67
CA MET B 193 -4.96 6.99 -21.97
C MET B 193 -4.98 8.31 -22.75
N GLY B 194 -4.46 8.28 -23.97
CA GLY B 194 -4.49 9.44 -24.84
C GLY B 194 -3.45 10.46 -24.47
N LEU B 195 -2.30 9.99 -24.01
CA LEU B 195 -1.25 10.90 -23.55
C LEU B 195 0.08 10.44 -24.12
N ILE B 196 0.80 11.37 -24.72
CA ILE B 196 2.17 11.10 -25.13
C ILE B 196 3.07 11.66 -24.01
N HIS B 197 4.17 10.96 -23.74
CA HIS B 197 5.03 11.27 -22.60
C HIS B 197 5.91 12.49 -22.85
N ARG B 198 6.68 12.44 -23.94
CA ARG B 198 7.59 13.52 -24.37
C ARG B 198 8.92 13.63 -23.60
N ASP B 199 9.10 12.84 -22.53
CA ASP B 199 10.37 12.86 -21.78
C ASP B 199 10.76 11.48 -21.24
N VAL B 200 10.86 10.49 -22.11
CA VAL B 200 11.30 9.16 -21.68
C VAL B 200 12.81 9.17 -21.48
N LYS B 201 13.27 8.57 -20.37
CA LYS B 201 14.69 8.42 -20.06
C LYS B 201 14.85 7.57 -18.80
N PRO B 202 16.05 7.05 -18.54
CA PRO B 202 16.22 6.26 -17.31
C PRO B 202 15.84 7.05 -16.07
N ASP B 203 16.24 8.33 -16.05
CA ASP B 203 15.87 9.26 -14.98
C ASP B 203 14.42 9.09 -14.50
N ASN B 204 13.48 8.86 -15.42
CA ASN B 204 12.06 8.77 -15.08
C ASN B 204 11.53 7.36 -15.04
N MET B 205 12.43 6.39 -14.84
CA MET B 205 12.04 5.00 -14.69
C MET B 205 12.51 4.50 -13.33
N LEU B 206 11.58 4.05 -12.51
CA LEU B 206 11.88 3.69 -11.12
C LEU B 206 11.53 2.24 -10.89
N LEU B 207 12.39 1.54 -10.18
CA LEU B 207 12.16 0.13 -9.90
C LEU B 207 11.50 0.02 -8.52
N ASP B 208 10.47 -0.82 -8.40
CA ASP B 208 9.76 -0.92 -7.11
C ASP B 208 10.45 -1.86 -6.12
N LYS B 209 9.73 -2.35 -5.11
CA LYS B 209 10.29 -3.24 -4.10
C LYS B 209 10.86 -4.49 -4.75
N HIS B 210 10.13 -5.00 -5.75
CA HIS B 210 10.50 -6.24 -6.44
C HIS B 210 11.35 -6.04 -7.68
N GLY B 211 11.65 -4.79 -8.02
CA GLY B 211 12.50 -4.47 -9.16
C GLY B 211 11.75 -4.34 -10.48
N HIS B 212 10.47 -4.00 -10.40
CA HIS B 212 9.64 -3.83 -11.57
C HIS B 212 9.34 -2.37 -11.81
N LEU B 213 9.40 -1.99 -13.08
CA LEU B 213 9.47 -0.61 -13.46
C LEU B 213 8.13 0.10 -13.35
N LYS B 214 8.18 1.37 -12.99
CA LYS B 214 7.05 2.27 -13.11
C LYS B 214 7.61 3.56 -13.63
N LEU B 215 6.80 4.27 -14.41
CA LEU B 215 7.20 5.56 -14.93
C LEU B 215 6.86 6.64 -13.90
N ALA B 216 7.78 7.59 -13.70
CA ALA B 216 7.75 8.48 -12.53
C ALA B 216 7.35 9.92 -12.83
N ASP B 217 8.14 10.62 -13.62
CA ASP B 217 7.88 12.05 -13.86
C ASP B 217 6.93 12.20 -15.04
N PHE B 218 6.03 13.19 -14.98
CA PHE B 218 5.01 13.39 -16.01
C PHE B 218 4.75 14.87 -16.31
N GLY B 219 5.73 15.73 -16.07
CA GLY B 219 5.53 17.17 -16.29
C GLY B 219 5.43 17.55 -17.77
N THR B 220 5.76 16.57 -18.62
CA THR B 220 5.95 16.76 -20.05
C THR B 220 4.83 16.13 -20.89
N CYS B 221 3.87 15.45 -20.25
CA CYS B 221 2.79 14.80 -20.99
C CYS B 221 1.84 15.80 -21.66
N MET B 222 1.23 15.39 -22.76
CA MET B 222 0.22 16.20 -23.44
C MET B 222 -0.86 15.30 -24.00
N LYS B 223 -2.12 15.74 -23.88
CA LYS B 223 -3.24 14.98 -24.40
C LYS B 223 -3.23 15.01 -25.94
N MET B 224 -3.65 13.91 -26.56
CA MET B 224 -3.70 13.81 -28.02
C MET B 224 -5.07 14.24 -28.55
N ASP B 225 -5.15 14.45 -29.87
CA ASP B 225 -6.42 14.70 -30.55
C ASP B 225 -7.17 13.39 -30.77
N GLU B 226 -8.40 13.50 -31.26
CA GLU B 226 -9.16 12.33 -31.71
C GLU B 226 -8.44 11.70 -32.92
N THR B 227 -7.66 12.51 -33.63
CA THR B 227 -6.74 12.01 -34.65
C THR B 227 -5.59 11.25 -33.96
N GLY B 228 -4.63 11.98 -33.40
CA GLY B 228 -3.50 11.37 -32.70
C GLY B 228 -2.22 12.18 -32.55
N MET B 229 -2.23 13.43 -33.05
CA MET B 229 -1.03 14.30 -33.00
C MET B 229 -1.21 15.38 -31.94
N VAL B 230 -0.25 16.30 -31.84
CA VAL B 230 -0.30 17.41 -30.88
C VAL B 230 0.30 18.70 -31.45
N HIS B 231 -0.55 19.52 -32.06
CA HIS B 231 -0.10 20.81 -32.61
C HIS B 231 0.59 21.66 -31.54
N CYS B 232 1.88 21.39 -31.33
CA CYS B 232 2.68 22.07 -30.30
C CYS B 232 3.83 22.85 -30.94
N ASP B 233 3.94 24.14 -30.60
CA ASP B 233 4.99 25.00 -31.15
C ASP B 233 6.24 25.02 -30.26
N THR B 234 6.27 24.17 -29.22
CA THR B 234 7.36 24.14 -28.25
C THR B 234 8.14 22.82 -28.26
N ALA B 235 9.47 22.94 -28.19
CA ALA B 235 10.34 21.80 -27.91
C ALA B 235 10.26 21.48 -26.42
N VAL B 236 10.00 20.22 -26.11
CA VAL B 236 9.81 19.78 -24.73
C VAL B 236 10.48 18.43 -24.51
N GLY B 237 11.54 18.40 -23.69
CA GLY B 237 12.22 17.17 -23.33
C GLY B 237 13.63 17.35 -22.77
N THR B 238 14.35 16.24 -22.71
CA THR B 238 15.71 16.20 -22.17
C THR B 238 16.70 15.84 -23.30
N PRO B 239 17.67 16.72 -23.60
CA PRO B 239 18.56 16.67 -24.78
C PRO B 239 18.85 15.30 -25.45
N ASP B 240 19.50 14.37 -24.75
CA ASP B 240 20.00 13.13 -25.36
C ASP B 240 18.93 12.21 -25.96
N TYR B 241 17.68 12.33 -25.50
CA TYR B 241 16.61 11.39 -25.88
C TYR B 241 15.47 12.02 -26.69
N ILE B 242 15.62 13.26 -27.15
CA ILE B 242 14.57 13.93 -27.92
C ILE B 242 14.62 13.45 -29.39
N SER B 243 13.43 13.14 -29.92
CA SER B 243 13.28 12.80 -31.32
C SER B 243 13.57 14.00 -32.20
N PRO B 244 13.98 13.77 -33.44
CA PRO B 244 14.16 14.89 -34.35
C PRO B 244 12.83 15.60 -34.65
N GLU B 245 11.72 14.86 -34.71
CA GLU B 245 10.42 15.50 -34.98
C GLU B 245 10.07 16.52 -33.93
N VAL B 246 10.39 16.24 -32.66
CA VAL B 246 10.18 17.20 -31.58
C VAL B 246 11.20 18.34 -31.68
N LEU B 247 12.46 18.01 -31.98
CA LEU B 247 13.49 19.04 -32.15
C LEU B 247 13.09 20.04 -33.21
N LYS B 248 12.62 19.54 -34.35
CA LYS B 248 12.21 20.38 -35.48
C LYS B 248 10.90 21.11 -35.16
N SER B 249 9.96 20.39 -34.54
CA SER B 249 8.72 20.98 -34.04
C SER B 249 8.95 22.38 -33.48
N GLN B 250 9.98 22.50 -32.65
CA GLN B 250 10.36 23.80 -32.10
C GLN B 250 10.31 24.89 -33.17
N GLY B 251 11.08 24.70 -34.24
CA GLY B 251 11.14 25.68 -35.32
C GLY B 251 9.95 25.61 -36.26
N GLY B 252 8.74 25.84 -35.73
CA GLY B 252 7.53 25.92 -36.58
C GLY B 252 6.23 25.64 -35.86
N ASP B 253 5.31 24.98 -36.58
CA ASP B 253 4.01 24.57 -36.02
C ASP B 253 3.90 23.04 -35.99
N GLY B 254 5.05 22.36 -35.92
CA GLY B 254 5.14 20.90 -36.05
C GLY B 254 4.13 20.09 -35.25
N PHE B 255 3.12 19.56 -35.94
CA PHE B 255 2.19 18.61 -35.34
C PHE B 255 2.82 17.22 -35.37
N TYR B 256 3.00 16.62 -34.19
CA TYR B 256 3.61 15.28 -34.08
C TYR B 256 2.85 14.37 -33.13
N GLY B 257 3.13 13.07 -33.23
CA GLY B 257 2.37 12.04 -32.51
C GLY B 257 3.18 11.22 -31.53
N ARG B 258 2.65 10.06 -31.18
CA ARG B 258 3.18 9.22 -30.09
C ARG B 258 4.51 8.53 -30.39
N GLU B 259 4.88 8.46 -31.65
CA GLU B 259 6.06 7.70 -32.06
C GLU B 259 7.37 8.31 -31.55
N CYS B 260 7.33 9.58 -31.16
CA CYS B 260 8.49 10.21 -30.50
C CYS B 260 8.92 9.48 -29.22
N ASP B 261 7.97 9.00 -28.42
CA ASP B 261 8.30 8.19 -27.25
C ASP B 261 9.09 6.95 -27.63
N TRP B 262 8.66 6.29 -28.72
CA TRP B 262 9.35 5.10 -29.20
C TRP B 262 10.76 5.43 -29.64
N TRP B 263 10.96 6.60 -30.23
CA TRP B 263 12.32 7.08 -30.53
C TRP B 263 13.15 7.00 -29.27
N SER B 264 12.54 7.44 -28.18
CA SER B 264 13.23 7.55 -26.92
C SER B 264 13.53 6.17 -26.33
N VAL B 265 12.58 5.25 -26.46
CA VAL B 265 12.85 3.85 -26.10
C VAL B 265 14.08 3.32 -26.86
N GLY B 266 14.25 3.78 -28.10
CA GLY B 266 15.41 3.39 -28.89
C GLY B 266 16.68 3.87 -28.24
N VAL B 267 16.72 5.15 -27.93
CA VAL B 267 17.90 5.76 -27.30
C VAL B 267 18.17 5.09 -25.96
N PHE B 268 17.11 4.80 -25.24
CA PHE B 268 17.22 4.08 -23.97
C PHE B 268 17.97 2.77 -24.21
N LEU B 269 17.42 1.93 -25.08
CA LEU B 269 18.00 0.60 -25.31
C LEU B 269 19.45 0.66 -25.74
N TYR B 270 19.78 1.58 -26.63
CA TYR B 270 21.17 1.71 -27.08
C TYR B 270 22.05 1.89 -25.84
N GLU B 271 21.69 2.92 -25.07
CA GLU B 271 22.48 3.36 -23.93
C GLU B 271 22.67 2.23 -22.95
N MET B 272 21.58 1.52 -22.71
CA MET B 272 21.59 0.42 -21.77
C MET B 272 22.60 -0.65 -22.15
N LEU B 273 22.75 -0.88 -23.46
CA LEU B 273 23.61 -1.95 -23.98
C LEU B 273 25.08 -1.55 -24.17
N VAL B 274 25.32 -0.26 -24.38
CA VAL B 274 26.65 0.25 -24.69
C VAL B 274 27.30 0.98 -23.50
N GLY B 275 26.50 1.72 -22.74
CA GLY B 275 27.00 2.46 -21.58
C GLY B 275 27.38 3.90 -21.90
N ASP B 276 27.00 4.33 -23.11
CA ASP B 276 27.02 5.73 -23.51
C ASP B 276 25.71 5.96 -24.30
N THR B 277 25.24 7.20 -24.44
CA THR B 277 24.07 7.45 -25.30
C THR B 277 24.58 7.48 -26.74
N PRO B 278 23.69 7.19 -27.70
CA PRO B 278 24.14 7.12 -29.09
C PRO B 278 24.51 8.47 -29.70
N PHE B 279 24.01 9.56 -29.15
CA PHE B 279 24.33 10.90 -29.65
C PHE B 279 25.05 11.77 -28.62
N TYR B 280 25.70 11.12 -27.65
CA TYR B 280 26.42 11.81 -26.59
C TYR B 280 27.48 12.75 -27.16
N ALA B 281 27.56 13.95 -26.60
CA ALA B 281 28.48 14.98 -27.09
C ALA B 281 28.95 15.88 -25.95
N ASP B 282 29.96 16.70 -26.26
CA ASP B 282 30.47 17.68 -25.30
C ASP B 282 29.41 18.70 -24.88
N SER B 283 28.41 18.91 -25.73
CA SER B 283 27.52 20.06 -25.59
C SER B 283 26.16 19.78 -26.18
N LEU B 284 25.23 20.71 -25.95
CA LEU B 284 23.86 20.57 -26.44
C LEU B 284 23.86 20.64 -27.97
N VAL B 285 24.52 21.65 -28.53
CA VAL B 285 24.72 21.72 -29.98
C VAL B 285 25.30 20.41 -30.52
N GLY B 286 26.25 19.85 -29.79
CA GLY B 286 26.87 18.58 -30.16
C GLY B 286 25.86 17.45 -30.26
N THR B 287 24.87 17.48 -29.38
CA THR B 287 23.84 16.46 -29.34
C THR B 287 22.76 16.70 -30.40
N TYR B 288 22.25 17.93 -30.52
CA TYR B 288 21.30 18.26 -31.59
C TYR B 288 21.91 17.92 -32.93
N SER B 289 23.05 18.54 -33.23
CA SER B 289 23.74 18.35 -34.50
C SER B 289 23.80 16.87 -34.88
N LYS B 290 24.11 16.02 -33.90
CA LYS B 290 24.12 14.56 -34.10
C LYS B 290 22.72 14.00 -34.34
N ILE B 291 21.76 14.39 -33.51
CA ILE B 291 20.41 13.81 -33.59
C ILE B 291 19.76 14.05 -34.95
N MET B 292 19.89 15.27 -35.48
CA MET B 292 19.31 15.61 -36.78
C MET B 292 19.92 14.74 -37.88
N ASP B 293 21.23 14.54 -37.75
CA ASP B 293 22.02 13.71 -38.65
C ASP B 293 22.07 12.26 -38.13
N HIS B 294 20.92 11.74 -37.69
CA HIS B 294 20.90 10.42 -37.04
C HIS B 294 21.32 9.31 -38.00
N LYS B 295 20.91 9.45 -39.25
CA LYS B 295 21.20 8.49 -40.31
C LYS B 295 22.69 8.16 -40.38
N ASN B 296 23.53 9.20 -40.44
CA ASN B 296 24.98 9.04 -40.47
C ASN B 296 25.63 8.85 -39.10
N SER B 297 25.16 9.62 -38.12
CA SER B 297 25.76 9.65 -36.80
C SER B 297 25.53 8.36 -36.01
N LEU B 298 24.34 7.76 -36.14
CA LEU B 298 24.08 6.49 -35.44
C LEU B 298 25.06 5.43 -35.93
N CYS B 299 25.88 4.92 -35.02
CA CYS B 299 26.78 3.82 -35.34
C CYS B 299 27.19 3.09 -34.07
N PHE B 300 27.39 1.78 -34.20
CA PHE B 300 27.66 0.90 -33.06
C PHE B 300 29.17 0.69 -32.89
N PRO B 301 29.69 0.83 -31.66
CA PRO B 301 31.11 0.60 -31.39
C PRO B 301 31.56 -0.82 -31.73
N GLU B 302 32.75 -0.95 -32.31
CA GLU B 302 33.27 -2.24 -32.76
C GLU B 302 33.25 -3.28 -31.64
N ASP B 303 33.85 -2.93 -30.50
CA ASP B 303 33.98 -3.86 -29.37
C ASP B 303 32.65 -4.42 -28.83
N ALA B 304 31.84 -3.58 -28.17
CA ALA B 304 30.62 -4.07 -27.52
C ALA B 304 29.71 -4.80 -28.50
N GLU B 305 29.78 -6.13 -28.47
CA GLU B 305 29.11 -6.98 -29.46
C GLU B 305 27.58 -7.01 -29.26
N ILE B 306 26.93 -5.93 -29.65
CA ILE B 306 25.47 -5.83 -29.66
C ILE B 306 24.89 -6.71 -30.77
N SER B 307 24.13 -7.73 -30.37
CA SER B 307 23.59 -8.74 -31.30
C SER B 307 22.69 -8.18 -32.40
N LYS B 308 22.52 -8.97 -33.46
CA LYS B 308 21.78 -8.55 -34.66
C LYS B 308 20.34 -8.12 -34.37
N HIS B 309 19.70 -8.80 -33.41
CA HIS B 309 18.33 -8.46 -33.04
C HIS B 309 18.24 -7.15 -32.27
N ALA B 310 19.18 -6.92 -31.36
CA ALA B 310 19.29 -5.62 -30.68
C ALA B 310 19.52 -4.54 -31.72
N LYS B 311 20.52 -4.73 -32.57
CA LYS B 311 20.87 -3.76 -33.61
C LYS B 311 19.66 -3.47 -34.51
N ASN B 312 18.94 -4.51 -34.91
CA ASN B 312 17.74 -4.35 -35.73
C ASN B 312 16.69 -3.50 -35.02
N LEU B 313 16.40 -3.85 -33.76
CA LEU B 313 15.39 -3.13 -32.98
C LEU B 313 15.74 -1.67 -32.79
N ILE B 314 16.98 -1.40 -32.39
CA ILE B 314 17.41 -0.02 -32.16
C ILE B 314 17.15 0.80 -33.42
N CYS B 315 17.69 0.32 -34.55
CA CYS B 315 17.58 1.02 -35.82
C CYS B 315 16.13 1.18 -36.23
N ALA B 316 15.30 0.21 -35.85
CA ALA B 316 13.87 0.27 -36.08
C ALA B 316 13.23 1.46 -35.38
N PHE B 317 13.71 1.78 -34.17
CA PHE B 317 13.23 2.94 -33.40
C PHE B 317 13.92 4.24 -33.83
N LEU B 318 15.22 4.16 -34.09
CA LEU B 318 16.02 5.34 -34.40
C LEU B 318 16.02 5.69 -35.89
N THR B 319 14.84 5.65 -36.51
CA THR B 319 14.68 6.01 -37.92
C THR B 319 13.69 7.15 -38.05
N ASP B 320 13.52 7.65 -39.26
CA ASP B 320 12.50 8.64 -39.52
C ASP B 320 11.14 8.10 -39.07
N ARG B 321 10.29 8.99 -38.58
CA ARG B 321 9.02 8.61 -37.92
C ARG B 321 8.05 7.84 -38.82
N GLU B 322 8.09 8.13 -40.12
CA GLU B 322 7.17 7.50 -41.06
C GLU B 322 7.46 6.01 -41.25
N VAL B 323 8.68 5.58 -40.96
CA VAL B 323 9.04 4.15 -41.04
C VAL B 323 9.37 3.53 -39.67
N ARG B 324 9.14 4.28 -38.59
CA ARG B 324 9.63 3.88 -37.27
C ARG B 324 8.78 2.82 -36.60
N LEU B 325 9.46 1.83 -36.02
CA LEU B 325 8.82 0.71 -35.34
C LEU B 325 7.87 1.24 -34.27
N GLY B 326 6.57 1.21 -34.57
CA GLY B 326 5.57 1.73 -33.64
C GLY B 326 4.55 2.69 -34.25
N ARG B 327 4.77 3.12 -35.48
CA ARG B 327 3.78 3.95 -36.20
C ARG B 327 2.46 3.20 -36.43
N ASN B 328 2.53 1.86 -36.39
CA ASN B 328 1.37 1.00 -36.69
C ASN B 328 0.92 0.16 -35.50
N GLY B 329 1.07 0.70 -34.29
CA GLY B 329 0.68 -0.01 -33.06
C GLY B 329 1.85 -0.66 -32.33
N VAL B 330 1.56 -1.17 -31.13
CA VAL B 330 2.58 -1.80 -30.28
C VAL B 330 2.87 -3.23 -30.72
N GLU B 331 1.88 -3.84 -31.38
CA GLU B 331 1.93 -5.26 -31.71
C GLU B 331 3.23 -5.65 -32.42
N GLU B 332 3.61 -4.87 -33.43
CA GLU B 332 4.85 -5.14 -34.17
C GLU B 332 6.08 -5.11 -33.26
N ILE B 333 6.05 -4.27 -32.22
CA ILE B 333 7.13 -4.22 -31.24
C ILE B 333 7.16 -5.52 -30.45
N ARG B 334 6.01 -5.93 -29.96
CA ARG B 334 5.93 -7.10 -29.07
C ARG B 334 6.48 -8.38 -29.70
N GLN B 335 6.47 -8.46 -31.02
CA GLN B 335 6.94 -9.66 -31.70
C GLN B 335 8.14 -9.39 -32.59
N HIS B 336 8.97 -8.42 -32.19
CA HIS B 336 10.32 -8.34 -32.70
C HIS B 336 11.07 -9.51 -32.06
N PRO B 337 11.94 -10.20 -32.82
CA PRO B 337 12.61 -11.41 -32.31
C PRO B 337 13.53 -11.20 -31.09
N PHE B 338 13.95 -9.96 -30.86
CA PHE B 338 14.82 -9.62 -29.73
C PHE B 338 14.24 -10.10 -28.40
N PHE B 339 12.92 -9.98 -28.27
CA PHE B 339 12.23 -10.30 -27.03
C PHE B 339 12.03 -11.80 -26.78
N LYS B 340 12.39 -12.64 -27.74
CA LYS B 340 12.29 -14.09 -27.55
C LYS B 340 13.08 -14.49 -26.30
N ASN B 341 12.41 -15.23 -25.40
CA ASN B 341 13.01 -15.64 -24.13
C ASN B 341 12.21 -16.78 -23.48
N ASP B 342 12.84 -17.50 -22.56
CA ASP B 342 12.16 -18.55 -21.79
C ASP B 342 11.51 -17.99 -20.53
N GLN B 343 11.88 -16.76 -20.18
CA GLN B 343 11.66 -16.21 -18.85
C GLN B 343 10.22 -15.72 -18.65
N TRP B 344 9.73 -14.90 -19.59
CA TRP B 344 8.45 -14.21 -19.42
C TRP B 344 7.67 -14.06 -20.72
N HIS B 345 6.35 -14.08 -20.61
CA HIS B 345 5.47 -13.71 -21.71
C HIS B 345 4.93 -12.33 -21.38
N TRP B 346 4.48 -11.60 -22.39
CA TRP B 346 3.98 -10.23 -22.20
C TRP B 346 2.77 -10.19 -21.27
N ASP B 347 1.98 -11.27 -21.27
CA ASP B 347 0.86 -11.42 -20.32
C ASP B 347 1.25 -11.29 -18.87
N ASN B 348 2.43 -11.81 -18.53
CA ASN B 348 2.82 -11.96 -17.13
C ASN B 348 4.17 -11.34 -16.75
N ILE B 349 4.84 -10.66 -17.67
CA ILE B 349 6.21 -10.21 -17.39
C ILE B 349 6.28 -9.61 -15.99
N ARG B 350 5.35 -8.71 -15.64
CA ARG B 350 5.49 -7.94 -14.40
C ARG B 350 5.25 -8.76 -13.12
N GLU B 351 4.93 -10.04 -13.27
CA GLU B 351 4.88 -10.95 -12.13
C GLU B 351 5.95 -12.04 -12.24
N THR B 352 6.96 -11.83 -13.09
CA THR B 352 8.10 -12.73 -13.16
C THR B 352 9.27 -12.10 -12.41
N ALA B 353 10.29 -12.91 -12.10
CA ALA B 353 11.43 -12.46 -11.29
C ALA B 353 12.30 -11.46 -12.05
N ALA B 354 12.34 -10.21 -11.57
CA ALA B 354 13.12 -9.16 -12.22
C ALA B 354 14.61 -9.42 -12.14
N PRO B 355 15.39 -8.83 -13.05
CA PRO B 355 16.85 -9.03 -13.11
C PRO B 355 17.60 -8.72 -11.81
N VAL B 356 17.27 -7.59 -11.18
CA VAL B 356 17.86 -7.18 -9.90
C VAL B 356 16.76 -6.85 -8.87
N VAL B 357 16.72 -7.62 -7.79
CA VAL B 357 15.79 -7.37 -6.67
C VAL B 357 16.54 -6.62 -5.57
N PRO B 358 16.13 -5.38 -5.25
CA PRO B 358 16.80 -4.57 -4.24
C PRO B 358 16.97 -5.24 -2.86
N GLU B 359 18.17 -5.14 -2.29
CA GLU B 359 18.40 -5.53 -0.89
C GLU B 359 18.03 -4.31 -0.04
N LEU B 360 17.08 -4.50 0.88
CA LEU B 360 16.56 -3.37 1.66
C LEU B 360 16.43 -3.70 3.13
N SER B 361 17.11 -2.88 3.95
CA SER B 361 17.22 -3.10 5.39
C SER B 361 15.88 -2.88 6.11
N SER B 362 15.20 -1.80 5.74
CA SER B 362 13.94 -1.42 6.38
C SER B 362 13.13 -0.55 5.43
N ASP B 363 11.92 -0.20 5.85
CA ASP B 363 11.03 0.58 5.01
C ASP B 363 11.50 2.03 4.73
N ILE B 364 12.60 2.44 5.34
CA ILE B 364 13.17 3.75 5.04
C ILE B 364 14.58 3.62 4.47
N ASP B 365 14.93 2.40 4.02
CA ASP B 365 16.19 2.20 3.32
C ASP B 365 16.16 2.97 2.02
N SER B 366 17.07 3.92 1.88
CA SER B 366 17.20 4.72 0.68
C SER B 366 18.59 4.53 0.08
N SER B 367 19.13 3.31 0.21
CA SER B 367 20.49 3.02 -0.25
C SER B 367 20.62 3.11 -1.76
N ASN B 368 19.54 2.84 -2.48
CA ASN B 368 19.53 2.90 -3.94
C ASN B 368 19.36 4.32 -4.49
N PHE B 369 19.26 5.32 -3.61
CA PHE B 369 19.20 6.73 -4.01
C PHE B 369 20.45 7.48 -3.56
N ASP B 370 20.93 8.40 -4.39
CA ASP B 370 22.08 9.22 -4.03
C ASP B 370 21.79 10.17 -2.88
N ASP B 371 22.82 10.52 -2.11
CA ASP B 371 22.70 11.55 -1.08
C ASP B 371 22.71 12.92 -1.74
N ILE B 372 22.01 13.88 -1.13
CA ILE B 372 21.87 15.21 -1.68
C ILE B 372 22.50 16.27 -0.76
N GLU B 373 23.18 17.27 -1.37
CA GLU B 373 23.69 18.44 -0.63
C GLU B 373 22.52 19.29 -0.12
N ASP B 374 22.60 19.77 1.12
CA ASP B 374 21.44 20.41 1.79
C ASP B 374 21.60 21.93 1.98
N ASP B 375 21.15 22.69 0.97
CA ASP B 375 21.11 24.15 1.00
C ASP B 375 22.47 24.77 1.27
N VAL B 379 14.37 28.52 0.43
CA VAL B 379 13.91 29.62 1.28
C VAL B 379 13.93 30.94 0.51
N GLU B 380 12.85 31.18 -0.25
CA GLU B 380 12.69 32.42 -1.02
C GLU B 380 11.23 32.57 -1.43
N THR B 381 10.56 33.57 -0.84
CA THR B 381 9.12 33.75 -1.04
C THR B 381 8.80 34.69 -2.20
N PHE B 382 7.51 34.87 -2.45
CA PHE B 382 7.03 35.95 -3.30
C PHE B 382 7.31 37.26 -2.56
N PRO B 383 7.32 38.39 -3.29
CA PRO B 383 7.41 39.70 -2.63
C PRO B 383 6.02 40.21 -2.25
N ILE B 384 5.91 40.87 -1.09
CA ILE B 384 4.64 41.45 -0.66
C ILE B 384 4.14 42.41 -1.75
N PRO B 385 2.86 42.30 -2.14
CA PRO B 385 2.40 43.01 -3.33
C PRO B 385 1.85 44.40 -3.06
N LYS B 386 1.84 45.22 -4.11
CA LYS B 386 1.30 46.59 -4.06
C LYS B 386 -0.16 46.58 -4.46
N ALA B 387 -0.46 46.03 -5.64
CA ALA B 387 -1.84 45.83 -6.10
C ALA B 387 -2.17 44.34 -6.01
N PHE B 388 -3.33 43.94 -6.52
CA PHE B 388 -3.70 42.52 -6.57
C PHE B 388 -2.95 41.83 -7.71
N VAL B 389 -2.22 40.77 -7.37
CA VAL B 389 -1.39 40.03 -8.34
C VAL B 389 -1.97 38.64 -8.66
N GLY B 390 -2.36 37.90 -7.62
CA GLY B 390 -3.01 36.59 -7.77
C GLY B 390 -2.09 35.41 -8.07
N ASN B 391 -1.05 35.23 -7.25
CA ASN B 391 -0.07 34.14 -7.46
C ASN B 391 -0.55 32.73 -7.10
N GLN B 392 -1.58 32.64 -6.27
CA GLN B 392 -2.16 31.35 -5.87
C GLN B 392 -3.20 30.85 -6.87
N LEU B 393 -3.75 31.74 -7.69
CA LEU B 393 -4.78 31.43 -8.68
C LEU B 393 -4.53 30.21 -9.59
N PRO B 394 -3.26 29.94 -9.97
CA PRO B 394 -3.02 28.81 -10.85
C PRO B 394 -2.90 27.47 -10.14
N PHE B 395 -2.91 27.48 -8.81
CA PHE B 395 -2.84 26.26 -8.02
C PHE B 395 -4.19 25.91 -7.38
N ILE B 396 -5.28 26.40 -7.99
CA ILE B 396 -6.64 26.15 -7.51
C ILE B 396 -7.25 24.93 -8.20
N GLY B 397 -7.42 23.86 -7.43
CA GLY B 397 -7.91 22.60 -7.94
C GLY B 397 -6.89 21.51 -7.78
N PHE B 398 -5.75 21.85 -7.19
CA PHE B 398 -4.67 20.89 -7.03
C PHE B 398 -4.90 19.89 -5.91
N THR B 399 -5.55 20.32 -4.84
CA THR B 399 -5.75 19.45 -3.68
C THR B 399 -6.56 18.21 -4.06
N TYR B 400 -6.06 17.03 -3.67
CA TYR B 400 -6.72 15.77 -3.97
C TYR B 400 -6.55 14.83 -2.81
N TYR B 401 -7.65 14.22 -2.36
CA TYR B 401 -7.56 13.17 -1.34
C TYR B 401 -8.18 11.89 -1.86
N ARG B 402 -7.44 10.78 -1.68
CA ARG B 402 -7.88 9.44 -2.07
C ARG B 402 -9.38 9.24 -1.91
F7 1WU C . -6.40 -16.73 9.01
C3 1WU C . -5.26 -16.85 9.70
C5 1WU C . -5.15 -17.81 10.68
C6 1WU C . -3.98 -17.98 11.42
C8 1WU C . -3.87 -19.09 12.55
N9 1WU C . -4.79 -18.74 13.71
C4 1WU C . -2.90 -17.12 11.13
C2 1WU C . -3.00 -16.13 10.13
C1 1WU C . -4.19 -16.00 9.41
O10 1WU C . -4.36 -15.05 8.43
C15 1WU C . -3.38 -14.68 7.49
C13 1WU C . -3.27 -13.32 7.11
C16 1WU C . -2.52 -15.62 6.89
C14 1WU C . -1.56 -15.20 5.93
C12 1WU C . -1.50 -13.86 5.58
C18 1WU C . -0.56 -13.20 4.59
O19 1WU C . -0.78 -11.78 4.65
B17 1WU C . -1.97 -11.54 5.55
C11 1WU C . -2.33 -12.95 6.16
O20 1WU C . -2.62 -10.22 5.81
F7 1WU D . 10.41 14.11 -9.17
C3 1WU D . 11.12 13.32 -10.00
C5 1WU D . 11.87 13.85 -11.03
C6 1WU D . 12.61 13.00 -11.88
C8 1WU D . 13.49 13.59 -13.09
N9 1WU D . 12.68 14.40 -14.07
C4 1WU D . 12.53 11.61 -11.64
C2 1WU D . 11.74 11.10 -10.59
C1 1WU D . 11.05 11.97 -9.77
O10 1WU D . 10.26 11.59 -8.72
C15 1WU D . 10.52 10.58 -7.80
C13 1WU D . 9.43 9.80 -7.38
C16 1WU D . 11.80 10.31 -7.26
C14 1WU D . 11.96 9.26 -6.31
C12 1WU D . 10.86 8.52 -5.93
C18 1WU D . 10.77 7.35 -4.97
O19 1WU D . 9.42 6.89 -4.96
B17 1WU D . 8.61 7.79 -5.87
C11 1WU D . 9.64 8.80 -6.46
O20 1WU D . 7.15 7.75 -6.16
#